data_4Q9D
#
_entry.id   4Q9D
#
_cell.length_a   137.162
_cell.length_b   137.162
_cell.length_c   337.057
_cell.angle_alpha   90.00
_cell.angle_beta   90.00
_cell.angle_gamma   120.00
#
_symmetry.space_group_name_H-M   'P 61 2 2'
#
loop_
_entity.id
_entity.type
_entity.pdbx_description
1 polymer 'Benzoylformate decarboxylase'
2 non-polymer 'MAGNESIUM ION'
3 non-polymer 'FORMIC ACID'
4 water water
#
_entity_poly.entity_id   1
_entity_poly.type   'polypeptide(L)'
_entity_poly.pdbx_seq_one_letter_code
;MSDQKTVHDVTYDLLRKLGLTTVFGNPGSTEESFLRDFPEDFTYVLSLQEASALAMADGFAQATGKPALVNLHTAAGTGN
AMGSLVAAYRANTPLIITAGQQTREMSVVDPYLNNPDATTMPKPWVKWSYEPARAEDVPAAFMQAYAVAMQPPMGPVFLS
IPLDDWDKPALGPAAVRSVSTRVAPDAERLAQFAERINAAKHPMLVLGPEVDRAGAWDAGIEFAEKLGAPVHASALPDRM
SFPEDHPLYAGPLPMTIAGVEQAVSAYDLVVVVGAEVFRYYPYVPGEYLPEGTDLLQITADPHRSAVAPVGDSLVGDVGI
ALSRLTELIDTPDDRVPPKPLVRQRHSDIPSTAPMTSNAVYEVLSNVKPDDAAVVMESTSTMLDLFTWLPTTHPASFFAT
GSGGIGWGVPAAVGIALGDRARGVDRTVVATIGDGSFQYSIQAIWTAAQHKLPIVFVVLRNGEYAILKSFADLEKTPNVP
GLQLPGLDISSIAAGFGCRTATVESTDMLEAELKTALQADGPTVLVVPTLPQLPQLGRSHHHHHH
;
_entity_poly.pdbx_strand_id   A,B
#
# COMPACT_ATOMS: atom_id res chain seq x y z
N GLN A 4 37.76 -5.87 0.43
CA GLN A 4 38.15 -5.98 1.83
C GLN A 4 36.95 -5.79 2.75
N LYS A 5 36.07 -4.85 2.41
CA LYS A 5 34.82 -4.64 3.16
C LYS A 5 33.86 -5.81 3.02
N THR A 6 33.32 -6.29 4.13
CA THR A 6 32.33 -7.35 4.08
C THR A 6 30.91 -6.80 4.04
N VAL A 7 29.95 -7.68 3.75
CA VAL A 7 28.54 -7.34 3.87
C VAL A 7 28.23 -6.74 5.26
N HIS A 8 28.78 -7.35 6.30
CA HIS A 8 28.64 -6.84 7.67
C HIS A 8 29.16 -5.38 7.78
N ASP A 9 30.38 -5.11 7.29
CA ASP A 9 30.92 -3.73 7.32
C ASP A 9 29.99 -2.70 6.68
N VAL A 10 29.56 -2.96 5.45
CA VAL A 10 28.86 -1.93 4.71
C VAL A 10 27.42 -1.75 5.18
N THR A 11 26.85 -2.81 5.77
CA THR A 11 25.49 -2.77 6.30
C THR A 11 25.42 -1.92 7.56
N TYR A 12 26.34 -2.16 8.49
CA TYR A 12 26.35 -1.33 9.69
C TYR A 12 26.67 0.12 9.32
N ASP A 13 27.54 0.35 8.33
CA ASP A 13 27.80 1.72 7.87
C ASP A 13 26.50 2.37 7.37
N LEU A 14 25.73 1.64 6.57
CA LEU A 14 24.46 2.14 6.05
C LEU A 14 23.47 2.40 7.20
N LEU A 15 23.34 1.43 8.10
CA LEU A 15 22.47 1.58 9.27
C LEU A 15 22.82 2.85 10.10
N ARG A 16 24.11 3.08 10.31
CA ARG A 16 24.53 4.29 11.00
C ARG A 16 24.03 5.52 10.27
N LYS A 17 24.20 5.54 8.95
CA LYS A 17 23.77 6.73 8.18
C LYS A 17 22.23 6.88 8.20
N LEU A 18 21.51 5.77 8.30
CA LEU A 18 20.05 5.84 8.36
C LEU A 18 19.56 6.21 9.76
N GLY A 19 20.44 6.16 10.75
CA GLY A 19 20.05 6.44 12.13
C GLY A 19 19.58 5.20 12.87
N LEU A 20 19.69 4.04 12.25
CA LEU A 20 19.25 2.79 12.89
C LEU A 20 20.34 2.20 13.78
N THR A 21 20.63 2.88 14.89
CA THR A 21 21.80 2.58 15.71
C THR A 21 21.47 1.93 17.03
N THR A 22 20.19 1.61 17.24
CA THR A 22 19.74 0.88 18.43
C THR A 22 19.06 -0.41 18.00
N VAL A 23 19.45 -1.51 18.62
CA VAL A 23 18.91 -2.80 18.24
C VAL A 23 18.28 -3.45 19.45
N PHE A 24 17.02 -3.87 19.31
CA PHE A 24 16.30 -4.57 20.37
C PHE A 24 16.24 -6.02 20.01
N GLY A 25 16.56 -6.90 20.97
CA GLY A 25 16.44 -8.32 20.69
C GLY A 25 16.88 -9.26 21.78
N ASN A 26 16.95 -10.55 21.43
CA ASN A 26 17.65 -11.56 22.23
C ASN A 26 18.42 -12.46 21.27
N PRO A 27 19.75 -12.43 21.38
CA PRO A 27 20.59 -13.06 20.35
C PRO A 27 20.67 -14.58 20.55
N GLY A 28 20.79 -15.31 19.44
CA GLY A 28 20.93 -16.76 19.44
C GLY A 28 22.02 -17.14 18.44
N SER A 29 22.29 -18.42 18.30
CA SER A 29 23.37 -18.89 17.46
C SER A 29 23.30 -18.36 16.03
N THR A 30 22.11 -18.28 15.48
CA THR A 30 21.91 -17.92 14.07
C THR A 30 22.05 -16.42 13.82
N GLU A 31 22.14 -15.64 14.91
CA GLU A 31 22.34 -14.19 14.85
C GLU A 31 23.79 -13.76 15.16
N GLU A 32 24.62 -14.74 15.53
CA GLU A 32 25.97 -14.45 16.00
C GLU A 32 26.73 -13.68 14.93
N SER A 33 26.58 -14.11 13.68
CA SER A 33 27.36 -13.48 12.64
C SER A 33 26.89 -12.05 12.39
N PHE A 34 25.63 -11.74 12.70
CA PHE A 34 25.12 -10.36 12.55
C PHE A 34 25.65 -9.45 13.65
N LEU A 35 25.65 -9.98 14.88
CA LEU A 35 25.98 -9.17 16.05
C LEU A 35 27.47 -9.11 16.32
N ARG A 36 28.23 -9.98 15.66
CA ARG A 36 29.68 -10.03 15.86
C ARG A 36 30.32 -8.65 15.60
N ASP A 37 31.26 -8.25 16.47
CA ASP A 37 31.90 -6.95 16.37
C ASP A 37 30.89 -5.82 16.28
N PHE A 38 29.81 -5.92 17.03
CA PHE A 38 28.80 -4.85 17.12
C PHE A 38 29.51 -3.52 17.33
N PRO A 39 29.29 -2.53 16.44
CA PRO A 39 30.02 -1.26 16.56
C PRO A 39 29.83 -0.55 17.89
N GLU A 40 30.89 0.11 18.36
CA GLU A 40 30.92 0.77 19.66
C GLU A 40 29.90 1.87 19.79
N ASP A 41 29.56 2.53 18.68
CA ASP A 41 28.58 3.62 18.75
C ASP A 41 27.12 3.14 18.63
N PHE A 42 26.89 1.84 18.50
CA PHE A 42 25.52 1.32 18.40
C PHE A 42 25.12 0.89 19.81
N THR A 43 23.81 0.69 20.02
CA THR A 43 23.30 0.29 21.32
C THR A 43 22.48 -0.99 21.16
N TYR A 44 22.77 -1.99 21.98
CA TYR A 44 21.98 -3.23 21.95
C TYR A 44 21.15 -3.27 23.22
N VAL A 45 19.82 -3.32 23.09
CA VAL A 45 18.95 -3.40 24.26
C VAL A 45 18.43 -4.83 24.37
N LEU A 46 18.89 -5.54 25.40
CA LEU A 46 18.47 -6.93 25.62
C LEU A 46 17.17 -7.04 26.40
N SER A 47 16.24 -7.87 25.90
CA SER A 47 15.05 -8.30 26.66
C SER A 47 15.09 -9.79 26.81
N LEU A 48 14.48 -10.28 27.90
CA LEU A 48 14.53 -11.70 28.26
C LEU A 48 13.63 -12.57 27.40
N GLN A 49 12.71 -11.96 26.64
CA GLN A 49 11.79 -12.70 25.79
C GLN A 49 11.45 -11.83 24.59
N GLU A 50 11.24 -12.46 23.42
CA GLU A 50 11.10 -11.74 22.15
C GLU A 50 9.87 -10.86 22.02
N ALA A 51 8.75 -11.28 22.62
CA ALA A 51 7.54 -10.46 22.65
C ALA A 51 7.86 -9.11 23.27
N SER A 52 8.68 -9.13 24.32
CA SER A 52 9.07 -7.89 25.00
C SER A 52 10.02 -7.06 24.15
N ALA A 53 10.95 -7.73 23.45
CA ALA A 53 11.89 -7.02 22.58
C ALA A 53 11.19 -6.22 21.48
N LEU A 54 10.20 -6.82 20.83
CA LEU A 54 9.52 -6.15 19.72
C LEU A 54 8.59 -5.05 20.25
N ALA A 55 7.85 -5.32 21.33
CA ALA A 55 6.98 -4.30 21.90
C ALA A 55 7.80 -3.10 22.46
N MET A 56 8.94 -3.41 23.04
CA MET A 56 9.87 -2.39 23.51
C MET A 56 10.38 -1.54 22.34
N ALA A 57 10.68 -2.19 21.21
CA ALA A 57 11.12 -1.45 20.02
C ALA A 57 9.97 -0.58 19.53
N ASP A 58 8.75 -1.10 19.67
CA ASP A 58 7.56 -0.37 19.25
C ASP A 58 7.51 0.95 20.03
N GLY A 59 7.56 0.88 21.36
CA GLY A 59 7.49 2.06 22.21
C GLY A 59 8.62 3.04 21.94
N PHE A 60 9.83 2.52 21.76
CA PHE A 60 11.00 3.35 21.43
C PHE A 60 10.83 4.10 20.11
N ALA A 61 10.34 3.41 19.09
CA ALA A 61 10.09 4.05 17.79
C ALA A 61 8.98 5.10 17.89
N GLN A 62 7.91 4.79 18.63
CA GLN A 62 6.83 5.76 18.78
C GLN A 62 7.33 6.99 19.54
N ALA A 63 8.14 6.79 20.58
CA ALA A 63 8.60 7.89 21.41
C ALA A 63 9.63 8.76 20.70
N THR A 64 10.57 8.15 19.98
CA THR A 64 11.56 8.90 19.21
C THR A 64 11.03 9.41 17.88
N GLY A 65 9.90 8.90 17.43
CA GLY A 65 9.42 9.22 16.08
C GLY A 65 10.37 8.79 14.97
N LYS A 66 11.12 7.71 15.19
CA LYS A 66 12.10 7.20 14.22
C LYS A 66 11.97 5.69 14.14
N PRO A 67 12.35 5.08 13.00
CA PRO A 67 12.29 3.62 12.93
C PRO A 67 13.25 2.96 13.94
N ALA A 68 13.02 1.69 14.23
CA ALA A 68 13.90 0.96 15.12
C ALA A 68 14.08 -0.46 14.59
N LEU A 69 15.22 -1.03 14.94
CA LEU A 69 15.64 -2.33 14.47
C LEU A 69 15.43 -3.37 15.55
N VAL A 70 14.91 -4.52 15.16
CA VAL A 70 14.67 -5.61 16.08
C VAL A 70 15.37 -6.81 15.48
N ASN A 71 16.05 -7.60 16.32
CA ASN A 71 16.79 -8.75 15.81
C ASN A 71 16.41 -9.97 16.63
N LEU A 72 15.86 -10.97 15.95
CA LEU A 72 15.23 -12.11 16.60
C LEU A 72 15.89 -13.42 16.14
N HIS A 73 15.77 -14.43 16.98
CA HIS A 73 16.39 -15.74 16.78
C HIS A 73 15.62 -16.74 15.87
N THR A 74 15.88 -16.72 14.58
CA THR A 74 15.27 -17.61 13.61
C THR A 74 13.75 -17.82 13.75
N ALA A 75 13.26 -19.02 13.47
CA ALA A 75 11.81 -19.25 13.47
C ALA A 75 11.27 -19.12 14.87
N ALA A 76 12.00 -19.67 15.84
CA ALA A 76 11.60 -19.70 17.26
C ALA A 76 11.43 -18.29 17.85
N GLY A 77 12.45 -17.45 17.68
CA GLY A 77 12.40 -16.08 18.18
C GLY A 77 11.39 -15.22 17.43
N THR A 78 11.35 -15.34 16.10
CA THR A 78 10.36 -14.61 15.31
C THR A 78 8.99 -14.98 15.83
N GLY A 79 8.77 -16.27 16.03
CA GLY A 79 7.45 -16.75 16.45
C GLY A 79 6.99 -16.18 17.77
N ASN A 80 7.89 -16.18 18.74
CA ASN A 80 7.62 -15.59 20.04
C ASN A 80 7.20 -14.11 20.02
N ALA A 81 7.55 -13.39 18.95
CA ALA A 81 7.24 -11.96 18.83
C ALA A 81 5.98 -11.65 18.00
N MET A 82 5.31 -12.65 17.44
CA MET A 82 4.23 -12.40 16.45
C MET A 82 3.05 -11.65 17.07
N GLY A 83 2.80 -11.84 18.35
CA GLY A 83 1.70 -11.13 18.98
C GLY A 83 2.00 -9.64 19.06
N SER A 84 3.23 -9.29 19.46
CA SER A 84 3.69 -7.89 19.47
C SER A 84 3.77 -7.29 18.09
N LEU A 85 4.09 -8.12 17.10
CA LEU A 85 4.12 -7.65 15.73
C LEU A 85 2.73 -7.15 15.31
N VAL A 86 1.68 -7.89 15.65
CA VAL A 86 0.32 -7.46 15.34
C VAL A 86 0.09 -6.03 15.92
N ALA A 87 0.46 -5.84 17.19
CA ALA A 87 0.34 -4.52 17.83
C ALA A 87 1.14 -3.43 17.08
N ALA A 88 2.37 -3.73 16.66
CA ALA A 88 3.19 -2.77 15.92
C ALA A 88 2.57 -2.48 14.56
N TYR A 89 2.02 -3.51 13.93
CA TYR A 89 1.46 -3.34 12.61
C TYR A 89 0.16 -2.47 12.68
N ARG A 90 -0.74 -2.76 13.62
CA ARG A 90 -1.94 -1.93 13.84
C ARG A 90 -1.63 -0.47 14.23
N ALA A 91 -0.50 -0.25 14.94
CA ALA A 91 -0.10 1.10 15.33
C ALA A 91 0.63 1.85 14.22
N ASN A 92 0.82 1.20 13.08
CA ASN A 92 1.66 1.79 12.00
C ASN A 92 3.06 2.21 12.45
N THR A 93 3.72 1.35 13.23
CA THR A 93 5.07 1.66 13.70
C THR A 93 6.10 1.15 12.72
N PRO A 94 7.02 2.02 12.29
CA PRO A 94 8.07 1.57 11.35
C PRO A 94 9.20 0.75 12.03
N LEU A 95 8.98 -0.53 12.24
CA LEU A 95 10.02 -1.42 12.79
C LEU A 95 10.62 -2.29 11.67
N ILE A 96 11.94 -2.43 11.67
CA ILE A 96 12.65 -3.34 10.76
C ILE A 96 12.98 -4.57 11.59
N ILE A 97 12.27 -5.66 11.35
CA ILE A 97 12.44 -6.86 12.14
C ILE A 97 13.36 -7.76 11.33
N THR A 98 14.48 -8.17 11.91
CA THR A 98 15.35 -9.13 11.23
C THR A 98 15.48 -10.38 12.06
N ALA A 99 15.73 -11.49 11.39
CA ALA A 99 15.96 -12.73 12.09
C ALA A 99 17.11 -13.43 11.37
N GLY A 100 17.86 -14.22 12.12
CA GLY A 100 18.90 -15.01 11.53
C GLY A 100 18.25 -16.20 10.81
N GLN A 101 18.95 -16.73 9.84
CA GLN A 101 18.46 -17.87 9.08
C GLN A 101 19.63 -18.86 9.00
N GLN A 102 19.34 -20.15 8.77
CA GLN A 102 20.43 -21.10 8.59
C GLN A 102 21.27 -20.76 7.35
N THR A 103 22.51 -21.21 7.37
CA THR A 103 23.45 -20.90 6.28
C THR A 103 22.97 -21.47 4.95
N ARG A 104 23.21 -20.72 3.87
CA ARG A 104 22.94 -21.18 2.51
C ARG A 104 23.67 -22.50 2.22
N GLU A 105 24.73 -22.75 2.96
CA GLU A 105 25.53 -23.96 2.71
C GLU A 105 24.78 -25.23 3.08
N MET A 106 23.72 -25.12 3.89
CA MET A 106 23.06 -26.31 4.44
C MET A 106 21.54 -26.26 4.39
N SER A 107 20.98 -25.08 4.17
CA SER A 107 19.55 -24.90 4.47
C SER A 107 18.67 -25.81 3.60
N VAL A 108 19.15 -26.24 2.43
CA VAL A 108 18.35 -27.11 1.57
C VAL A 108 17.94 -28.42 2.27
N VAL A 109 18.75 -28.90 3.23
CA VAL A 109 18.43 -30.14 3.95
C VAL A 109 17.55 -29.91 5.18
N ASP A 110 17.05 -28.68 5.35
CA ASP A 110 16.23 -28.30 6.51
C ASP A 110 16.93 -28.68 7.83
N PRO A 111 18.12 -28.10 8.07
CA PRO A 111 18.86 -28.42 9.29
C PRO A 111 18.21 -27.80 10.55
N TYR A 112 18.80 -28.11 11.69
CA TYR A 112 18.32 -27.63 12.99
C TYR A 112 18.28 -26.11 13.01
N LEU A 113 17.18 -25.56 13.52
CA LEU A 113 16.97 -24.11 13.62
C LEU A 113 16.90 -23.41 12.27
N ASN A 114 16.74 -24.20 11.20
CA ASN A 114 16.40 -23.61 9.89
C ASN A 114 15.02 -22.93 10.01
N ASN A 115 14.78 -21.92 9.18
CA ASN A 115 13.46 -21.23 9.14
C ASN A 115 12.90 -21.32 7.71
N PRO A 116 12.45 -22.52 7.31
CA PRO A 116 12.04 -22.75 5.94
C PRO A 116 10.81 -21.87 5.62
N ASP A 117 10.76 -21.35 4.41
CA ASP A 117 9.65 -20.44 4.03
C ASP A 117 9.49 -19.27 5.03
N ALA A 118 10.63 -18.73 5.48
CA ALA A 118 10.69 -17.64 6.46
C ALA A 118 9.78 -16.47 6.14
N THR A 119 9.68 -16.08 4.87
CA THR A 119 8.96 -14.85 4.55
C THR A 119 7.44 -15.05 4.78
N THR A 120 6.96 -16.29 4.74
CA THR A 120 5.53 -16.56 5.01
C THR A 120 5.18 -16.42 6.49
N MET A 121 6.14 -16.68 7.37
CA MET A 121 5.84 -16.77 8.80
C MET A 121 5.17 -15.51 9.43
N PRO A 122 5.75 -14.32 9.21
CA PRO A 122 5.14 -13.14 9.85
C PRO A 122 3.91 -12.65 9.08
N LYS A 123 3.65 -13.17 7.89
CA LYS A 123 2.44 -12.78 7.16
C LYS A 123 1.22 -13.25 7.96
N PRO A 124 0.14 -12.45 7.98
CA PRO A 124 -0.13 -11.21 7.22
C PRO A 124 0.18 -9.92 8.01
N TRP A 125 1.19 -9.93 8.87
CA TRP A 125 1.38 -8.79 9.78
C TRP A 125 2.62 -7.96 9.51
N VAL A 126 3.10 -7.96 8.26
CA VAL A 126 4.17 -7.03 7.85
C VAL A 126 3.80 -6.44 6.52
N LYS A 127 4.32 -5.25 6.24
CA LYS A 127 4.12 -4.60 4.94
C LYS A 127 4.93 -5.31 3.89
N TRP A 128 5.95 -6.05 4.31
CA TRP A 128 6.94 -6.60 3.40
C TRP A 128 7.78 -7.62 4.16
N SER A 129 8.07 -8.71 3.49
CA SER A 129 8.76 -9.83 4.07
C SER A 129 9.75 -10.30 3.01
N TYR A 130 11.01 -10.52 3.37
CA TYR A 130 11.98 -10.78 2.30
C TYR A 130 13.22 -11.49 2.81
N GLU A 131 13.74 -12.38 1.98
CA GLU A 131 15.02 -13.06 2.23
C GLU A 131 15.82 -12.89 0.95
N PRO A 132 16.97 -12.19 1.03
CA PRO A 132 17.75 -11.85 -0.16
C PRO A 132 18.17 -13.08 -0.97
N ALA A 133 18.20 -12.91 -2.29
CA ALA A 133 18.59 -13.98 -3.22
C ALA A 133 20.11 -14.29 -3.16
N ARG A 134 20.89 -13.39 -2.57
CA ARG A 134 22.33 -13.59 -2.43
C ARG A 134 22.88 -12.66 -1.35
N ALA A 135 24.04 -13.03 -0.79
CA ALA A 135 24.65 -12.26 0.28
C ALA A 135 24.85 -10.81 -0.11
N GLU A 136 25.23 -10.59 -1.36
CA GLU A 136 25.67 -9.26 -1.80
C GLU A 136 24.54 -8.23 -1.76
N ASP A 137 23.30 -8.72 -1.73
CA ASP A 137 22.12 -7.86 -1.75
C ASP A 137 21.66 -7.50 -0.36
N VAL A 138 22.34 -8.02 0.64
CA VAL A 138 21.91 -7.74 2.02
C VAL A 138 21.88 -6.23 2.33
N PRO A 139 22.95 -5.49 1.97
CA PRO A 139 22.89 -4.04 2.31
C PRO A 139 21.73 -3.32 1.63
N ALA A 140 21.56 -3.51 0.33
CA ALA A 140 20.43 -2.92 -0.39
C ALA A 140 19.08 -3.38 0.16
N ALA A 141 19.00 -4.62 0.67
CA ALA A 141 17.78 -5.12 1.31
C ALA A 141 17.43 -4.32 2.57
N PHE A 142 18.45 -3.97 3.35
CA PHE A 142 18.21 -3.13 4.52
C PHE A 142 17.70 -1.74 4.09
N MET A 143 18.24 -1.17 3.02
CA MET A 143 17.79 0.15 2.59
C MET A 143 16.33 0.06 2.16
N GLN A 144 16.03 -1.03 1.45
CA GLN A 144 14.69 -1.31 0.97
C GLN A 144 13.69 -1.50 2.13
N ALA A 145 14.14 -2.18 3.19
CA ALA A 145 13.31 -2.39 4.38
C ALA A 145 12.97 -1.04 5.03
N TYR A 146 13.98 -0.18 5.16
CA TYR A 146 13.81 1.16 5.67
C TYR A 146 12.76 1.90 4.82
N ALA A 147 12.95 1.85 3.49
CA ALA A 147 12.04 2.49 2.55
C ALA A 147 10.59 2.04 2.71
N VAL A 148 10.38 0.73 2.81
CA VAL A 148 9.03 0.24 2.93
C VAL A 148 8.41 0.67 4.27
N ALA A 149 9.16 0.51 5.35
CA ALA A 149 8.63 0.83 6.67
C ALA A 149 8.29 2.32 6.81
N MET A 150 9.09 3.18 6.19
CA MET A 150 9.01 4.64 6.39
C MET A 150 8.01 5.31 5.47
N GLN A 151 7.75 4.71 4.31
CA GLN A 151 6.72 5.29 3.43
C GLN A 151 5.32 5.08 4.01
N PRO A 152 4.42 6.07 3.84
CA PRO A 152 3.09 6.03 4.47
C PRO A 152 2.15 5.00 3.84
N PRO A 153 1.30 4.32 4.65
CA PRO A 153 1.35 4.37 6.11
C PRO A 153 2.50 3.52 6.61
N MET A 154 3.18 3.99 7.65
CA MET A 154 4.34 3.29 8.16
C MET A 154 3.93 1.95 8.73
N GLY A 155 4.88 1.04 8.88
CA GLY A 155 4.55 -0.26 9.43
C GLY A 155 5.76 -1.17 9.49
N PRO A 156 5.60 -2.31 10.15
CA PRO A 156 6.80 -3.14 10.36
C PRO A 156 7.13 -3.96 9.10
N VAL A 157 8.40 -4.33 8.91
CA VAL A 157 8.79 -5.21 7.81
C VAL A 157 9.71 -6.32 8.36
N PHE A 158 9.89 -7.38 7.60
CA PHE A 158 10.67 -8.53 8.05
C PHE A 158 11.75 -8.89 7.02
N LEU A 159 12.98 -9.02 7.49
CA LEU A 159 14.12 -9.45 6.68
C LEU A 159 14.72 -10.69 7.30
N SER A 160 14.88 -11.75 6.51
CA SER A 160 15.49 -12.99 6.99
C SER A 160 16.87 -13.06 6.33
N ILE A 161 17.93 -13.23 7.13
CA ILE A 161 19.30 -13.19 6.58
C ILE A 161 20.07 -14.45 6.94
N PRO A 162 20.34 -15.27 5.92
CA PRO A 162 21.18 -16.47 6.12
C PRO A 162 22.52 -16.09 6.79
N LEU A 163 22.87 -16.81 7.86
CA LEU A 163 23.96 -16.39 8.74
C LEU A 163 25.33 -16.32 8.05
N ASP A 164 25.52 -17.01 6.92
CA ASP A 164 26.80 -16.91 6.21
C ASP A 164 26.92 -15.65 5.37
N ASP A 165 25.85 -14.89 5.21
CA ASP A 165 25.91 -13.77 4.29
C ASP A 165 26.82 -12.67 4.80
N TRP A 166 26.88 -12.53 6.12
CA TRP A 166 27.51 -11.35 6.73
C TRP A 166 29.02 -11.22 6.42
N ASP A 167 29.70 -12.34 6.26
CA ASP A 167 31.14 -12.35 6.07
C ASP A 167 31.54 -12.36 4.61
N LYS A 168 30.58 -12.32 3.70
CA LYS A 168 30.92 -12.26 2.27
C LYS A 168 31.44 -10.86 1.90
N PRO A 169 32.27 -10.78 0.85
CA PRO A 169 32.74 -9.47 0.39
C PRO A 169 31.60 -8.62 -0.13
N ALA A 170 31.57 -7.35 0.28
CA ALA A 170 30.52 -6.46 -0.17
C ALA A 170 30.84 -6.05 -1.62
N LEU A 171 29.82 -5.61 -2.35
CA LEU A 171 30.02 -5.08 -3.69
C LEU A 171 30.64 -3.66 -3.68
N GLY A 172 30.63 -3.01 -2.53
CA GLY A 172 31.03 -1.61 -2.42
C GLY A 172 30.21 -0.99 -1.30
N PRO A 173 30.31 0.33 -1.13
CA PRO A 173 29.44 0.97 -0.13
C PRO A 173 27.96 0.85 -0.52
N ALA A 174 27.04 0.75 0.45
CA ALA A 174 25.60 0.79 0.15
C ALA A 174 25.13 2.18 -0.24
N ALA A 175 24.34 2.31 -1.31
CA ALA A 175 23.73 3.59 -1.65
C ALA A 175 22.80 4.03 -0.54
N VAL A 176 22.82 5.32 -0.22
CA VAL A 176 21.98 5.88 0.82
C VAL A 176 20.84 6.63 0.15
N ARG A 177 19.61 6.19 0.38
CA ARG A 177 18.46 6.79 -0.25
C ARG A 177 17.62 7.46 0.81
N SER A 178 16.77 8.39 0.40
CA SER A 178 15.76 8.96 1.30
C SER A 178 14.42 8.80 0.58
N VAL A 179 13.32 8.69 1.34
CA VAL A 179 11.98 8.50 0.74
C VAL A 179 10.96 9.51 1.32
N SER A 180 9.79 9.63 0.69
CA SER A 180 8.65 10.33 1.29
C SER A 180 8.18 9.62 2.57
N THR A 181 7.96 10.36 3.65
CA THR A 181 7.32 9.82 4.84
C THR A 181 5.90 10.38 4.98
N ARG A 182 5.50 11.22 4.03
CA ARG A 182 4.14 11.77 3.97
C ARG A 182 3.70 11.87 2.53
N VAL A 183 2.41 11.67 2.28
CA VAL A 183 1.81 12.20 1.06
C VAL A 183 0.75 13.21 1.51
N ALA A 184 0.42 14.14 0.62
CA ALA A 184 -0.58 15.17 0.91
C ALA A 184 -1.91 14.74 0.32
N PRO A 185 -3.04 15.25 0.89
CA PRO A 185 -4.36 15.00 0.29
C PRO A 185 -4.38 15.51 -1.15
N ASP A 186 -5.14 14.88 -2.03
CA ASP A 186 -5.44 15.44 -3.33
C ASP A 186 -6.13 16.79 -3.05
N ALA A 187 -5.53 17.89 -3.52
CA ALA A 187 -6.00 19.24 -3.17
C ALA A 187 -7.41 19.49 -3.60
N GLU A 188 -7.73 18.96 -4.76
CA GLU A 188 -9.05 19.20 -5.30
C GLU A 188 -10.10 18.44 -4.50
N ARG A 189 -9.76 17.23 -4.05
CA ARG A 189 -10.65 16.44 -3.21
C ARG A 189 -10.81 17.07 -1.81
N LEU A 190 -9.69 17.49 -1.22
CA LEU A 190 -9.69 18.17 0.07
C LEU A 190 -10.59 19.41 0.01
N ALA A 191 -10.49 20.17 -1.09
CA ALA A 191 -11.33 21.36 -1.28
C ALA A 191 -12.82 21.00 -1.35
N GLN A 192 -13.15 19.89 -2.02
CA GLN A 192 -14.54 19.41 -1.99
C GLN A 192 -14.98 19.06 -0.56
N PHE A 193 -14.09 18.43 0.21
CA PHE A 193 -14.42 18.06 1.58
C PHE A 193 -14.68 19.32 2.37
N ALA A 194 -13.83 20.34 2.17
CA ALA A 194 -13.98 21.63 2.86
C ALA A 194 -15.32 22.28 2.55
N GLU A 195 -15.74 22.19 1.29
CA GLU A 195 -17.04 22.73 0.89
C GLU A 195 -18.16 22.00 1.60
N ARG A 196 -18.02 20.69 1.75
CA ARG A 196 -19.07 19.91 2.39
C ARG A 196 -19.11 20.27 3.87
N ILE A 197 -17.95 20.55 4.45
CA ILE A 197 -17.89 20.93 5.84
C ILE A 197 -18.54 22.30 6.04
N ASN A 198 -18.30 23.23 5.12
CA ASN A 198 -18.88 24.57 5.20
C ASN A 198 -20.39 24.53 5.12
N ALA A 199 -20.90 23.56 4.36
CA ALA A 199 -22.33 23.45 4.13
C ALA A 199 -23.07 22.81 5.33
N ALA A 200 -22.32 22.15 6.22
CA ALA A 200 -22.95 21.47 7.36
C ALA A 200 -23.52 22.49 8.35
N LYS A 201 -24.70 22.18 8.89
CA LYS A 201 -25.30 22.99 9.98
C LYS A 201 -24.71 22.66 11.34
N HIS A 202 -24.55 21.36 11.62
CA HIS A 202 -24.07 20.89 12.93
C HIS A 202 -23.09 19.74 12.72
N PRO A 203 -21.84 20.07 12.35
CA PRO A 203 -20.86 19.01 12.12
C PRO A 203 -20.29 18.55 13.46
N MET A 204 -19.67 17.37 13.45
CA MET A 204 -18.90 16.92 14.59
C MET A 204 -17.53 16.40 14.10
N LEU A 205 -16.49 16.64 14.88
CA LEU A 205 -15.14 16.28 14.49
C LEU A 205 -14.66 15.12 15.36
N VAL A 206 -14.15 14.06 14.72
CA VAL A 206 -13.40 13.03 15.44
C VAL A 206 -11.93 13.14 15.13
N LEU A 207 -11.09 13.26 16.16
CA LEU A 207 -9.64 13.25 15.98
C LEU A 207 -9.07 11.97 16.58
N GLY A 208 -8.41 11.15 15.74
CA GLY A 208 -7.91 9.84 16.16
C GLY A 208 -6.41 9.77 16.33
N PRO A 209 -5.89 8.56 16.62
CA PRO A 209 -4.47 8.34 16.96
C PRO A 209 -3.47 8.80 15.89
N GLU A 210 -3.86 8.79 14.61
CA GLU A 210 -2.92 9.22 13.57
C GLU A 210 -2.50 10.67 13.76
N VAL A 211 -3.42 11.48 14.27
CA VAL A 211 -3.12 12.89 14.47
C VAL A 211 -1.93 13.03 15.40
N ASP A 212 -1.98 12.39 16.57
CA ASP A 212 -0.82 12.46 17.47
C ASP A 212 0.46 11.85 16.84
N ARG A 213 0.33 10.75 16.09
CA ARG A 213 1.51 10.12 15.50
C ARG A 213 2.14 11.00 14.44
N ALA A 214 1.34 11.88 13.82
CA ALA A 214 1.87 12.82 12.82
C ALA A 214 2.41 14.12 13.43
N GLY A 215 2.45 14.22 14.77
CA GLY A 215 2.85 15.46 15.43
C GLY A 215 1.89 16.61 15.13
N ALA A 216 0.62 16.30 14.94
CA ALA A 216 -0.38 17.29 14.50
C ALA A 216 -1.33 17.79 15.61
N TRP A 217 -0.93 17.60 16.86
CA TRP A 217 -1.70 18.09 18.02
C TRP A 217 -2.11 19.57 17.85
N ASP A 218 -1.15 20.43 17.58
CA ASP A 218 -1.45 21.85 17.41
C ASP A 218 -2.35 22.08 16.23
N ALA A 219 -2.07 21.43 15.10
CA ALA A 219 -2.91 21.65 13.92
C ALA A 219 -4.35 21.23 14.19
N GLY A 220 -4.50 20.14 14.93
CA GLY A 220 -5.83 19.68 15.29
C GLY A 220 -6.60 20.69 16.14
N ILE A 221 -5.91 21.29 17.12
CA ILE A 221 -6.53 22.30 17.99
C ILE A 221 -6.96 23.50 17.16
N GLU A 222 -6.07 23.96 16.28
CA GLU A 222 -6.33 25.10 15.42
C GLU A 222 -7.52 24.83 14.54
N PHE A 223 -7.57 23.65 13.94
CA PHE A 223 -8.71 23.37 13.09
C PHE A 223 -9.98 23.26 13.92
N ALA A 224 -9.90 22.54 15.05
CA ALA A 224 -11.08 22.31 15.88
C ALA A 224 -11.67 23.63 16.36
N GLU A 225 -10.79 24.53 16.79
CA GLU A 225 -11.21 25.84 17.33
C GLU A 225 -11.86 26.70 16.25
N LYS A 226 -11.35 26.64 15.02
CA LYS A 226 -12.01 27.36 13.94
C LYS A 226 -13.34 26.76 13.54
N LEU A 227 -13.46 25.43 13.50
CA LEU A 227 -14.72 24.83 13.12
C LEU A 227 -15.79 25.03 14.23
N GLY A 228 -15.35 25.04 15.48
CA GLY A 228 -16.28 25.20 16.59
C GLY A 228 -17.21 24.03 16.91
N ALA A 229 -16.94 22.85 16.35
CA ALA A 229 -17.78 21.66 16.56
C ALA A 229 -17.29 20.84 17.78
N PRO A 230 -18.17 19.99 18.33
CA PRO A 230 -17.73 19.08 19.41
C PRO A 230 -16.65 18.15 18.87
N VAL A 231 -15.68 17.82 19.70
CA VAL A 231 -14.56 17.01 19.26
C VAL A 231 -14.49 15.71 20.03
N HIS A 232 -14.78 14.58 19.38
CA HIS A 232 -14.59 13.28 20.00
C HIS A 232 -13.22 12.68 19.69
N ALA A 233 -12.79 11.79 20.58
CA ALA A 233 -11.60 10.98 20.38
C ALA A 233 -12.04 9.60 19.97
N SER A 234 -11.09 8.79 19.55
CA SER A 234 -11.40 7.44 19.13
C SER A 234 -11.78 6.63 20.36
N ALA A 235 -12.68 5.65 20.19
CA ALA A 235 -12.81 4.62 21.22
C ALA A 235 -11.52 3.83 21.28
N LEU A 236 -11.22 3.26 22.45
CA LEU A 236 -10.12 2.32 22.58
C LEU A 236 -8.80 2.90 22.02
N PRO A 237 -8.46 4.14 22.44
CA PRO A 237 -7.33 4.82 21.81
C PRO A 237 -5.99 4.15 22.11
N ASP A 238 -5.09 4.11 21.12
CA ASP A 238 -3.71 3.73 21.39
C ASP A 238 -2.83 4.99 21.52
N ARG A 239 -3.38 6.11 21.08
CA ARG A 239 -2.76 7.43 21.25
C ARG A 239 -3.91 8.42 21.50
N MET A 240 -3.62 9.54 22.14
CA MET A 240 -4.61 10.62 22.23
C MET A 240 -4.07 11.88 21.56
N SER A 241 -4.89 12.49 20.72
CA SER A 241 -4.45 13.52 19.79
C SER A 241 -5.06 14.90 20.03
N PHE A 242 -5.90 15.04 21.05
CA PHE A 242 -6.59 16.30 21.33
C PHE A 242 -6.74 16.47 22.83
N PRO A 243 -6.41 17.66 23.36
CA PRO A 243 -6.41 17.81 24.83
C PRO A 243 -7.79 17.52 25.42
N GLU A 244 -7.84 16.64 26.42
CA GLU A 244 -9.13 16.21 26.97
C GLU A 244 -9.69 17.23 28.00
N ASP A 245 -8.94 18.29 28.29
CA ASP A 245 -9.45 19.40 29.10
C ASP A 245 -9.95 20.56 28.23
N HIS A 246 -9.97 20.37 26.92
CA HIS A 246 -10.41 21.42 26.00
C HIS A 246 -11.94 21.53 26.02
N PRO A 247 -12.46 22.77 25.94
CA PRO A 247 -13.90 23.02 26.04
C PRO A 247 -14.75 22.32 24.97
N LEU A 248 -14.15 22.04 23.82
CA LEU A 248 -14.84 21.36 22.73
C LEU A 248 -14.82 19.83 22.90
N TYR A 249 -13.97 19.34 23.79
CA TYR A 249 -13.79 17.90 23.92
C TYR A 249 -15.05 17.19 24.42
N ALA A 250 -15.51 16.18 23.66
CA ALA A 250 -16.71 15.46 24.01
C ALA A 250 -16.44 14.05 24.49
N GLY A 251 -15.18 13.69 24.69
CA GLY A 251 -14.88 12.35 25.15
C GLY A 251 -14.71 11.33 24.01
N PRO A 252 -14.37 10.09 24.36
CA PRO A 252 -14.20 9.06 23.32
C PRO A 252 -15.55 8.62 22.73
N LEU A 253 -15.59 8.21 21.47
CA LEU A 253 -16.80 7.63 20.92
C LEU A 253 -17.11 6.33 21.66
N PRO A 254 -18.38 5.91 21.61
CA PRO A 254 -18.76 4.57 22.08
C PRO A 254 -18.05 3.52 21.23
N MET A 255 -18.07 2.27 21.66
CA MET A 255 -17.32 1.22 20.96
C MET A 255 -18.21 0.18 20.31
N THR A 256 -19.45 0.55 20.01
CA THR A 256 -20.35 -0.38 19.33
C THR A 256 -21.04 0.36 18.21
N ILE A 257 -21.57 -0.40 17.26
CA ILE A 257 -22.29 0.15 16.14
C ILE A 257 -23.50 0.97 16.60
N ALA A 258 -24.34 0.38 17.45
CA ALA A 258 -25.52 1.07 17.99
C ALA A 258 -25.11 2.32 18.75
N GLY A 259 -24.06 2.19 19.55
CA GLY A 259 -23.57 3.32 20.32
C GLY A 259 -23.13 4.51 19.46
N VAL A 260 -22.31 4.25 18.43
CA VAL A 260 -21.83 5.35 17.59
C VAL A 260 -22.98 5.94 16.77
N GLU A 261 -23.85 5.08 16.27
CA GLU A 261 -25.05 5.52 15.59
C GLU A 261 -25.79 6.57 16.43
N GLN A 262 -25.93 6.30 17.73
CA GLN A 262 -26.64 7.21 18.62
C GLN A 262 -25.81 8.48 18.83
N ALA A 263 -24.53 8.32 19.09
CA ALA A 263 -23.64 9.46 19.32
C ALA A 263 -23.57 10.47 18.17
N VAL A 264 -23.73 10.05 16.92
CA VAL A 264 -23.58 10.99 15.80
C VAL A 264 -24.92 11.55 15.33
N SER A 265 -26.01 11.00 15.87
CA SER A 265 -27.36 11.28 15.38
C SER A 265 -27.79 12.75 15.52
N ALA A 266 -27.12 13.50 16.38
CA ALA A 266 -27.36 14.94 16.52
C ALA A 266 -26.69 15.79 15.43
N TYR A 267 -25.82 15.18 14.63
CA TYR A 267 -24.98 15.95 13.73
C TYR A 267 -25.34 15.62 12.30
N ASP A 268 -25.24 16.62 11.40
CA ASP A 268 -25.55 16.33 10.00
C ASP A 268 -24.30 15.85 9.20
N LEU A 269 -23.12 16.02 9.78
CA LEU A 269 -21.88 15.60 9.10
C LEU A 269 -20.87 15.18 10.14
N VAL A 270 -20.32 13.98 10.00
CA VAL A 270 -19.20 13.59 10.89
C VAL A 270 -17.89 13.67 10.12
N VAL A 271 -16.93 14.39 10.67
CA VAL A 271 -15.62 14.53 10.03
C VAL A 271 -14.60 13.70 10.80
N VAL A 272 -14.17 12.58 10.22
CA VAL A 272 -13.26 11.67 10.94
C VAL A 272 -11.84 11.82 10.43
N VAL A 273 -10.96 12.34 11.28
CA VAL A 273 -9.58 12.56 10.89
C VAL A 273 -8.63 11.70 11.71
N GLY A 274 -7.97 10.74 11.06
CA GLY A 274 -6.94 9.93 11.72
C GLY A 274 -7.50 8.93 12.72
N ALA A 275 -8.78 8.58 12.55
CA ALA A 275 -9.44 7.52 13.31
C ALA A 275 -10.09 6.58 12.33
N GLU A 276 -10.24 5.32 12.73
CA GLU A 276 -10.97 4.32 11.94
C GLU A 276 -12.44 4.67 11.92
N VAL A 277 -13.13 4.16 10.91
CA VAL A 277 -14.56 4.30 10.82
C VAL A 277 -15.22 2.92 10.95
N PHE A 278 -15.57 2.49 12.17
CA PHE A 278 -15.11 3.06 13.44
C PHE A 278 -14.50 1.89 14.21
N ARG A 279 -13.77 2.19 15.27
CA ARG A 279 -13.12 1.14 16.07
C ARG A 279 -14.14 0.51 17.00
N TYR A 280 -14.83 -0.52 16.49
CA TYR A 280 -15.85 -1.23 17.26
C TYR A 280 -15.25 -2.45 17.94
N TYR A 281 -15.81 -2.82 19.08
CA TYR A 281 -15.30 -4.00 19.76
C TYR A 281 -16.43 -4.98 20.07
N PRO A 282 -17.22 -4.74 21.14
CA PRO A 282 -18.36 -5.64 21.30
C PRO A 282 -19.41 -5.40 20.22
N TYR A 283 -20.21 -6.42 19.93
CA TYR A 283 -21.26 -6.28 18.94
C TYR A 283 -22.60 -5.87 19.57
N VAL A 284 -23.13 -4.72 19.14
CA VAL A 284 -24.50 -4.31 19.44
C VAL A 284 -25.07 -3.72 18.15
N PRO A 285 -26.14 -4.32 17.63
CA PRO A 285 -26.50 -3.97 16.25
C PRO A 285 -27.14 -2.59 16.09
N GLY A 286 -27.04 -2.06 14.88
CA GLY A 286 -27.59 -0.77 14.51
C GLY A 286 -27.21 -0.50 13.06
N GLU A 287 -27.41 0.72 12.61
CA GLU A 287 -26.90 1.19 11.32
C GLU A 287 -25.58 1.89 11.62
N TYR A 288 -24.63 1.82 10.68
CA TYR A 288 -23.33 2.47 10.89
C TYR A 288 -23.51 3.97 11.03
N LEU A 289 -24.43 4.54 10.23
CA LEU A 289 -24.79 5.95 10.34
C LEU A 289 -26.31 6.08 10.32
N PRO A 290 -26.87 6.95 11.17
CA PRO A 290 -28.32 7.19 11.07
C PRO A 290 -28.62 8.04 9.81
N GLU A 291 -29.85 7.96 9.33
CA GLU A 291 -30.23 8.72 8.14
C GLU A 291 -30.11 10.19 8.48
N GLY A 292 -29.69 11.00 7.52
CA GLY A 292 -29.48 12.42 7.80
C GLY A 292 -28.09 12.74 8.36
N THR A 293 -27.29 11.74 8.70
CA THR A 293 -25.91 12.03 9.05
C THR A 293 -24.97 11.51 7.97
N ASP A 294 -24.18 12.41 7.36
CA ASP A 294 -23.13 12.04 6.41
C ASP A 294 -21.76 11.94 7.07
N LEU A 295 -20.81 11.31 6.37
CA LEU A 295 -19.47 11.14 6.94
C LEU A 295 -18.34 11.38 5.96
N LEU A 296 -17.34 12.15 6.39
CA LEU A 296 -16.08 12.31 5.68
C LEU A 296 -14.99 11.65 6.50
N GLN A 297 -14.05 11.00 5.83
CA GLN A 297 -12.93 10.36 6.49
C GLN A 297 -11.59 10.72 5.83
N ILE A 298 -10.62 11.08 6.65
CA ILE A 298 -9.29 11.45 6.17
C ILE A 298 -8.33 10.59 6.95
N THR A 299 -7.52 9.82 6.23
CA THR A 299 -6.57 8.91 6.89
C THR A 299 -5.32 8.81 6.02
N ALA A 300 -4.20 8.51 6.66
CA ALA A 300 -2.98 8.21 5.91
C ALA A 300 -2.93 6.72 5.50
N ASP A 301 -3.85 5.91 6.01
CA ASP A 301 -3.80 4.48 5.71
C ASP A 301 -4.94 4.02 4.80
N PRO A 302 -4.62 3.78 3.50
CA PRO A 302 -5.60 3.32 2.50
C PRO A 302 -6.39 2.08 2.98
N HIS A 303 -5.79 1.26 3.83
CA HIS A 303 -6.53 0.14 4.39
C HIS A 303 -7.74 0.62 5.21
N ARG A 304 -7.53 1.68 6.01
CA ARG A 304 -8.61 2.16 6.89
C ARG A 304 -9.76 2.84 6.11
N SER A 305 -9.45 3.53 5.01
CA SER A 305 -10.53 4.02 4.17
C SER A 305 -11.18 2.91 3.38
N ALA A 306 -10.39 1.90 3.01
CA ALA A 306 -10.93 0.79 2.20
C ALA A 306 -11.99 0.00 2.96
N VAL A 307 -11.75 -0.21 4.26
CA VAL A 307 -12.68 -1.04 5.04
C VAL A 307 -13.87 -0.28 5.64
N ALA A 308 -13.85 1.05 5.60
CA ALA A 308 -14.94 1.86 6.18
C ALA A 308 -16.27 1.42 5.61
N PRO A 309 -17.29 1.17 6.46
CA PRO A 309 -18.57 0.72 5.93
C PRO A 309 -19.36 1.86 5.24
N VAL A 310 -18.99 3.10 5.56
CA VAL A 310 -19.76 4.25 5.07
C VAL A 310 -18.81 5.40 4.82
N GLY A 311 -19.27 6.41 4.09
CA GLY A 311 -18.55 7.68 4.03
C GLY A 311 -17.81 7.95 2.71
N ASP A 312 -17.42 9.21 2.51
CA ASP A 312 -16.46 9.54 1.46
C ASP A 312 -15.15 9.81 2.15
N SER A 313 -14.07 9.24 1.62
CA SER A 313 -12.78 9.31 2.29
C SER A 313 -11.75 9.86 1.34
N LEU A 314 -10.63 10.30 1.92
CA LEU A 314 -9.46 10.62 1.14
C LEU A 314 -8.23 10.23 1.94
N VAL A 315 -7.17 9.93 1.22
CA VAL A 315 -5.94 9.48 1.82
C VAL A 315 -4.98 10.65 1.86
N GLY A 316 -4.28 10.82 2.98
CA GLY A 316 -3.29 11.86 3.07
C GLY A 316 -2.83 12.02 4.49
N ASP A 317 -1.64 12.59 4.66
CA ASP A 317 -1.11 12.88 5.97
C ASP A 317 -2.13 13.75 6.72
N VAL A 318 -2.45 13.38 7.95
CA VAL A 318 -3.55 14.09 8.66
C VAL A 318 -3.09 15.47 9.15
N GLY A 319 -1.80 15.64 9.39
CA GLY A 319 -1.27 16.95 9.76
C GLY A 319 -1.37 17.92 8.60
N ILE A 320 -0.98 17.49 7.41
CA ILE A 320 -1.13 18.30 6.21
C ILE A 320 -2.59 18.60 5.93
N ALA A 321 -3.46 17.59 6.08
CA ALA A 321 -4.88 17.79 5.79
C ALA A 321 -5.51 18.82 6.76
N LEU A 322 -5.15 18.72 8.04
CA LEU A 322 -5.71 19.59 9.08
C LEU A 322 -5.30 21.04 8.83
N SER A 323 -3.99 21.27 8.67
CA SER A 323 -3.47 22.61 8.44
C SER A 323 -4.13 23.22 7.22
N ARG A 324 -4.25 22.45 6.17
CA ARG A 324 -4.91 22.94 4.96
C ARG A 324 -6.41 23.13 5.12
N LEU A 325 -7.09 22.23 5.82
CA LEU A 325 -8.52 22.40 6.03
C LEU A 325 -8.79 23.71 6.78
N THR A 326 -7.90 24.05 7.71
CA THR A 326 -8.08 25.28 8.50
C THR A 326 -8.15 26.49 7.58
N GLU A 327 -7.23 26.56 6.63
CA GLU A 327 -7.22 27.66 5.67
C GLU A 327 -8.46 27.61 4.78
N LEU A 328 -8.97 26.42 4.48
CA LEU A 328 -10.04 26.27 3.51
C LEU A 328 -11.45 26.55 4.03
N ILE A 329 -11.74 26.22 5.29
CA ILE A 329 -13.11 26.37 5.77
C ILE A 329 -13.46 27.81 6.12
N ASP A 330 -14.76 28.13 6.09
CA ASP A 330 -15.27 29.44 6.48
C ASP A 330 -15.04 29.67 7.95
N THR A 331 -14.95 30.93 8.33
CA THR A 331 -15.13 31.25 9.73
C THR A 331 -16.62 31.12 10.02
N PRO A 332 -17.00 30.15 10.88
CA PRO A 332 -18.43 30.05 11.18
C PRO A 332 -18.89 31.27 11.97
N ASP A 333 -20.19 31.56 11.91
CA ASP A 333 -20.72 32.76 12.53
C ASP A 333 -21.54 32.40 13.76
N ASP A 334 -21.89 33.44 14.55
CA ASP A 334 -22.78 33.30 15.71
C ASP A 334 -22.43 32.10 16.58
N ARG A 335 -21.25 32.15 17.21
CA ARG A 335 -20.79 31.02 17.99
C ARG A 335 -21.33 31.01 19.43
N VAL A 336 -22.31 30.14 19.67
CA VAL A 336 -22.68 29.75 21.04
C VAL A 336 -22.01 28.41 21.33
N PRO A 337 -20.85 28.42 21.98
CA PRO A 337 -20.00 27.22 22.04
C PRO A 337 -20.59 26.05 22.84
N PRO A 338 -20.38 24.83 22.38
CA PRO A 338 -20.79 23.66 23.18
C PRO A 338 -20.20 23.81 24.58
N LYS A 339 -20.97 23.48 25.61
CA LYS A 339 -20.48 23.67 26.99
C LYS A 339 -19.45 22.61 27.31
N PRO A 340 -18.37 23.01 28.01
CA PRO A 340 -17.31 22.08 28.42
C PRO A 340 -17.89 20.80 29.03
N LEU A 341 -17.20 19.68 28.84
CA LEU A 341 -17.66 18.41 29.40
C LEU A 341 -17.53 18.47 30.91
N VAL A 342 -18.60 18.08 31.61
CA VAL A 342 -18.54 17.96 33.07
C VAL A 342 -18.43 16.49 33.46
N ARG A 343 -17.27 16.11 33.99
CA ARG A 343 -17.08 14.76 34.50
C ARG A 343 -17.70 14.64 35.90
N GLN A 344 -18.48 13.59 36.12
CA GLN A 344 -18.93 13.24 37.48
C GLN A 344 -17.72 12.75 38.31
N ARG A 345 -17.21 13.61 39.18
CA ARG A 345 -16.07 13.27 40.02
C ARG A 345 -16.50 13.24 41.48
N HIS A 346 -16.47 12.04 42.07
CA HIS A 346 -16.72 11.87 43.50
C HIS A 346 -15.61 11.03 44.14
N SER A 347 -14.95 11.61 45.15
CA SER A 347 -13.76 11.02 45.77
C SER A 347 -14.00 9.85 46.74
N ASP A 348 -13.14 8.83 46.63
CA ASP A 348 -13.08 7.70 47.57
C ASP A 348 -11.85 7.82 48.47
N ILE A 349 -11.15 8.96 48.37
CA ILE A 349 -10.07 9.28 49.30
C ILE A 349 -10.65 9.93 50.56
N PRO A 350 -10.12 9.58 51.74
CA PRO A 350 -9.04 8.61 51.93
C PRO A 350 -9.62 7.20 52.04
N SER A 351 -8.76 6.20 51.90
CA SER A 351 -9.25 4.83 51.83
C SER A 351 -8.16 3.80 52.16
N THR A 352 -8.60 2.66 52.67
CA THR A 352 -7.72 1.56 52.97
C THR A 352 -7.79 0.53 51.84
N ALA A 353 -6.69 -0.19 51.62
CA ALA A 353 -6.67 -1.28 50.65
C ALA A 353 -7.42 -2.49 51.19
N PRO A 354 -8.19 -3.18 50.34
CA PRO A 354 -8.30 -2.89 48.90
C PRO A 354 -9.14 -1.65 48.62
N MET A 355 -8.65 -0.79 47.72
CA MET A 355 -9.37 0.42 47.37
C MET A 355 -10.03 0.31 46.02
N THR A 356 -10.88 1.28 45.71
CA THR A 356 -11.51 1.30 44.39
C THR A 356 -10.47 1.84 43.43
N SER A 357 -10.65 1.54 42.14
CA SER A 357 -9.79 2.14 41.12
C SER A 357 -10.06 3.63 41.02
N ASN A 358 -11.27 4.02 41.34
CA ASN A 358 -11.60 5.45 41.45
C ASN A 358 -10.67 6.16 42.42
N ALA A 359 -10.44 5.55 43.59
CA ALA A 359 -9.48 6.08 44.54
C ALA A 359 -8.07 6.09 43.96
N VAL A 360 -7.67 4.97 43.37
CA VAL A 360 -6.33 4.83 42.81
C VAL A 360 -6.00 5.93 41.81
N TYR A 361 -6.91 6.15 40.87
CA TYR A 361 -6.66 7.16 39.83
C TYR A 361 -6.66 8.61 40.34
N GLU A 362 -7.53 8.92 41.31
CA GLU A 362 -7.49 10.25 41.92
C GLU A 362 -6.18 10.44 42.68
N VAL A 363 -5.76 9.44 43.44
CA VAL A 363 -4.45 9.57 44.09
C VAL A 363 -3.38 9.84 43.04
N LEU A 364 -3.48 9.14 41.91
CA LEU A 364 -2.53 9.32 40.81
C LEU A 364 -2.54 10.72 40.28
N SER A 365 -3.75 11.24 40.06
CA SER A 365 -3.88 12.60 39.53
C SER A 365 -3.29 13.64 40.46
N ASN A 366 -3.36 13.40 41.77
CA ASN A 366 -2.77 14.30 42.75
C ASN A 366 -1.25 14.42 42.70
N VAL A 367 -0.55 13.38 42.28
CA VAL A 367 0.91 13.43 42.29
C VAL A 367 1.57 13.34 40.92
N LYS A 368 0.79 13.04 39.88
CA LYS A 368 1.36 12.86 38.55
C LYS A 368 2.00 14.14 38.02
N PRO A 369 3.30 14.07 37.67
CA PRO A 369 3.93 15.24 37.04
C PRO A 369 3.14 15.64 35.80
N ASP A 370 3.05 16.94 35.54
CA ASP A 370 2.18 17.43 34.48
C ASP A 370 2.67 16.94 33.11
N ASP A 371 3.96 16.70 33.01
CA ASP A 371 4.56 16.33 31.74
C ASP A 371 4.90 14.82 31.66
N ALA A 372 4.29 14.01 32.54
CA ALA A 372 4.53 12.59 32.52
C ALA A 372 3.86 11.96 31.30
N ALA A 373 4.38 10.82 30.84
CA ALA A 373 3.65 10.02 29.87
C ALA A 373 2.87 8.96 30.62
N VAL A 374 1.66 8.70 30.16
CA VAL A 374 0.88 7.61 30.69
C VAL A 374 0.86 6.45 29.70
N VAL A 375 1.15 5.25 30.20
CA VAL A 375 0.99 4.04 29.41
C VAL A 375 -0.09 3.25 30.07
N MET A 376 -1.10 2.87 29.30
CA MET A 376 -2.30 2.29 29.88
C MET A 376 -2.56 0.85 29.40
N GLU A 377 -2.78 -0.06 30.34
CA GLU A 377 -3.18 -1.41 29.97
C GLU A 377 -4.01 -2.01 31.10
N SER A 378 -5.23 -1.51 31.20
CA SER A 378 -6.16 -1.92 32.24
C SER A 378 -7.53 -1.57 31.70
N THR A 379 -8.11 -2.49 30.93
CA THR A 379 -9.35 -2.18 30.21
C THR A 379 -10.47 -1.81 31.19
N SER A 380 -10.50 -2.51 32.32
CA SER A 380 -11.55 -2.38 33.32
C SER A 380 -11.53 -1.03 34.05
N THR A 381 -10.46 -0.26 33.89
CA THR A 381 -10.36 1.03 34.57
C THR A 381 -10.21 2.22 33.63
N MET A 382 -10.65 2.05 32.38
CA MET A 382 -10.60 3.13 31.41
C MET A 382 -11.44 4.32 31.88
N LEU A 383 -12.56 4.04 32.55
CA LEU A 383 -13.43 5.11 33.02
C LEU A 383 -12.73 5.99 34.04
N ASP A 384 -11.95 5.36 34.92
CA ASP A 384 -11.22 6.09 35.96
C ASP A 384 -10.07 6.91 35.39
N LEU A 385 -9.44 6.41 34.34
CA LEU A 385 -8.39 7.18 33.66
C LEU A 385 -9.01 8.43 33.01
N PHE A 386 -10.14 8.25 32.34
CA PHE A 386 -10.87 9.37 31.74
C PHE A 386 -11.25 10.40 32.80
N THR A 387 -11.80 9.91 33.91
CA THR A 387 -12.27 10.77 34.99
C THR A 387 -11.20 11.62 35.64
N TRP A 388 -10.07 11.01 35.99
CA TRP A 388 -9.03 11.64 36.78
C TRP A 388 -7.73 11.98 36.06
N LEU A 389 -7.42 11.31 34.94
CA LEU A 389 -6.14 11.56 34.26
C LEU A 389 -6.32 11.99 32.83
N PRO A 390 -6.92 13.16 32.62
CA PRO A 390 -7.09 13.59 31.23
C PRO A 390 -5.74 13.79 30.57
N THR A 391 -5.64 13.48 29.28
CA THR A 391 -4.41 13.74 28.53
C THR A 391 -4.42 15.17 28.06
N THR A 392 -3.38 15.93 28.41
CA THR A 392 -3.34 17.37 28.10
C THR A 392 -2.12 17.79 27.26
N HIS A 393 -1.14 16.89 27.08
CA HIS A 393 0.00 17.16 26.21
C HIS A 393 0.10 16.15 25.06
N PRO A 394 0.72 16.54 23.94
CA PRO A 394 0.89 15.57 22.86
C PRO A 394 1.84 14.41 23.24
N ALA A 395 1.68 13.27 22.57
CA ALA A 395 2.66 12.17 22.72
C ALA A 395 2.86 11.81 24.19
N SER A 396 1.75 11.75 24.93
CA SER A 396 1.82 11.52 26.37
C SER A 396 0.86 10.43 26.84
N PHE A 397 0.24 9.73 25.88
CA PHE A 397 -0.62 8.59 26.20
C PHE A 397 -0.33 7.47 25.21
N PHE A 398 -0.12 6.27 25.72
CA PHE A 398 0.15 5.13 24.87
C PHE A 398 -0.57 3.89 25.37
N ALA A 399 -1.17 3.14 24.45
CA ALA A 399 -1.71 1.83 24.78
C ALA A 399 -1.56 0.95 23.55
N THR A 400 -1.84 -0.33 23.71
CA THR A 400 -1.61 -1.32 22.67
C THR A 400 -2.32 -0.96 21.36
N GLY A 401 -1.57 -1.06 20.26
CA GLY A 401 -2.10 -0.85 18.93
C GLY A 401 -3.20 -1.84 18.58
N SER A 402 -3.09 -3.05 19.10
CA SER A 402 -3.96 -4.13 18.63
C SER A 402 -5.09 -4.49 19.61
N GLY A 403 -4.90 -4.23 20.90
CA GLY A 403 -5.86 -4.71 21.88
C GLY A 403 -5.28 -5.87 22.67
N GLY A 404 -4.21 -6.46 22.15
CA GLY A 404 -3.58 -7.55 22.89
C GLY A 404 -2.81 -7.09 24.12
N ILE A 405 -3.07 -7.70 25.27
CA ILE A 405 -2.31 -7.35 26.48
C ILE A 405 -0.91 -7.95 26.53
N GLY A 406 -0.10 -7.46 27.47
CA GLY A 406 1.30 -7.78 27.49
C GLY A 406 2.13 -6.72 26.76
N TRP A 407 1.48 -5.73 26.21
CA TRP A 407 2.18 -4.70 25.45
C TRP A 407 2.72 -3.56 26.31
N GLY A 408 1.90 -3.12 27.28
CA GLY A 408 2.18 -1.89 28.02
C GLY A 408 3.49 -1.89 28.77
N VAL A 409 3.83 -3.01 29.37
CA VAL A 409 5.04 -3.05 30.19
C VAL A 409 6.32 -2.86 29.37
N PRO A 410 6.56 -3.74 28.37
CA PRO A 410 7.71 -3.53 27.47
C PRO A 410 7.65 -2.21 26.72
N ALA A 411 6.46 -1.80 26.28
CA ALA A 411 6.34 -0.51 25.58
C ALA A 411 6.79 0.65 26.50
N ALA A 412 6.40 0.61 27.77
CA ALA A 412 6.81 1.63 28.74
C ALA A 412 8.35 1.70 28.81
N VAL A 413 8.99 0.53 28.89
CA VAL A 413 10.46 0.48 28.84
C VAL A 413 11.03 1.13 27.56
N GLY A 414 10.46 0.81 26.41
CA GLY A 414 10.95 1.40 25.17
C GLY A 414 10.72 2.90 25.10
N ILE A 415 9.56 3.36 25.60
CA ILE A 415 9.24 4.79 25.63
C ILE A 415 10.24 5.54 26.47
N ALA A 416 10.53 5.02 27.66
CA ALA A 416 11.56 5.63 28.53
C ALA A 416 12.95 5.64 27.90
N LEU A 417 13.35 4.52 27.27
CA LEU A 417 14.62 4.52 26.54
C LEU A 417 14.60 5.54 25.42
N GLY A 418 13.45 5.68 24.78
CA GLY A 418 13.32 6.66 23.71
C GLY A 418 13.42 8.10 24.20
N ASP A 419 12.75 8.40 25.30
CA ASP A 419 12.87 9.72 25.94
C ASP A 419 14.34 10.01 26.24
N ARG A 420 15.03 9.05 26.82
CA ARG A 420 16.43 9.25 27.17
C ARG A 420 17.27 9.47 25.93
N ALA A 421 16.99 8.73 24.87
CA ALA A 421 17.74 8.87 23.63
C ALA A 421 17.52 10.25 22.99
N ARG A 422 16.30 10.77 23.09
CA ARG A 422 15.94 12.01 22.40
C ARG A 422 16.08 13.23 23.32
N GLY A 423 16.52 13.00 24.55
CA GLY A 423 16.78 14.10 25.49
C GLY A 423 15.51 14.70 26.08
N VAL A 424 14.49 13.88 26.28
CA VAL A 424 13.29 14.35 26.96
C VAL A 424 13.29 13.82 28.37
N ASP A 425 13.26 14.75 29.32
CA ASP A 425 13.27 14.45 30.75
C ASP A 425 11.85 14.36 31.25
N ARG A 426 11.35 13.13 31.42
CA ARG A 426 10.03 12.95 32.00
C ARG A 426 9.90 11.57 32.60
N THR A 427 8.85 11.38 33.36
CA THR A 427 8.60 10.09 33.95
C THR A 427 7.50 9.38 33.16
N VAL A 428 7.60 8.05 33.08
CA VAL A 428 6.54 7.26 32.48
C VAL A 428 5.75 6.59 33.60
N VAL A 429 4.44 6.80 33.59
CA VAL A 429 3.60 6.16 34.56
C VAL A 429 2.75 5.15 33.84
N ALA A 430 2.92 3.88 34.21
CA ALA A 430 2.17 2.81 33.57
C ALA A 430 1.17 2.22 34.53
N THR A 431 -0.11 2.28 34.18
CA THR A 431 -1.14 1.65 34.98
C THR A 431 -1.59 0.36 34.29
N ILE A 432 -1.29 -0.77 34.91
CA ILE A 432 -1.40 -2.09 34.30
C ILE A 432 -2.17 -3.03 35.21
N GLY A 433 -3.18 -3.71 34.69
CA GLY A 433 -3.84 -4.76 35.43
C GLY A 433 -2.85 -5.85 35.82
N ASP A 434 -3.21 -6.63 36.84
CA ASP A 434 -2.29 -7.68 37.34
C ASP A 434 -2.11 -8.87 36.37
N GLY A 435 -3.16 -9.24 35.64
CA GLY A 435 -3.07 -10.23 34.57
C GLY A 435 -2.14 -9.73 33.45
N SER A 436 -2.40 -8.53 32.95
CA SER A 436 -1.58 -7.93 31.90
C SER A 436 -0.15 -7.81 32.32
N PHE A 437 0.08 -7.52 33.61
CA PHE A 437 1.43 -7.34 34.11
C PHE A 437 2.27 -8.62 33.99
N GLN A 438 1.62 -9.78 34.01
CA GLN A 438 2.31 -11.09 33.94
C GLN A 438 2.81 -11.46 32.56
N TYR A 439 2.04 -11.12 31.52
CA TYR A 439 2.37 -11.57 30.16
C TYR A 439 3.82 -11.29 29.81
N SER A 440 4.28 -10.08 30.14
CA SER A 440 5.61 -9.61 29.74
C SER A 440 6.36 -9.07 30.94
N ILE A 441 6.10 -9.67 32.11
CA ILE A 441 6.72 -9.22 33.34
C ILE A 441 8.26 -9.14 33.29
N GLN A 442 8.91 -10.00 32.51
CA GLN A 442 10.40 -9.99 32.39
C GLN A 442 10.93 -8.68 31.84
N ALA A 443 10.10 -7.94 31.13
CA ALA A 443 10.51 -6.65 30.57
C ALA A 443 11.00 -5.66 31.64
N ILE A 444 10.46 -5.76 32.85
CA ILE A 444 10.87 -4.83 33.91
C ILE A 444 12.35 -4.99 34.28
N TRP A 445 12.93 -6.14 33.93
CA TRP A 445 14.36 -6.36 34.15
C TRP A 445 15.19 -5.40 33.31
N THR A 446 14.79 -5.19 32.06
CA THR A 446 15.45 -4.19 31.22
C THR A 446 15.32 -2.78 31.81
N ALA A 447 14.15 -2.47 32.41
CA ALA A 447 13.95 -1.19 33.08
C ALA A 447 14.92 -1.01 34.25
N ALA A 448 15.10 -2.06 35.03
CA ALA A 448 16.04 -2.04 36.15
C ALA A 448 17.45 -1.93 35.64
N GLN A 449 17.77 -2.70 34.62
CA GLN A 449 19.11 -2.70 34.06
C GLN A 449 19.51 -1.33 33.51
N HIS A 450 18.55 -0.57 33.01
CA HIS A 450 18.88 0.73 32.43
C HIS A 450 18.45 1.86 33.36
N LYS A 451 17.97 1.51 34.55
CA LYS A 451 17.59 2.52 35.54
C LYS A 451 16.60 3.54 34.98
N LEU A 452 15.51 3.06 34.40
CA LEU A 452 14.55 3.92 33.74
C LEU A 452 13.54 4.52 34.71
N PRO A 453 13.21 5.82 34.53
CA PRO A 453 12.21 6.48 35.38
C PRO A 453 10.81 6.03 35.01
N ILE A 454 10.47 4.80 35.39
CA ILE A 454 9.12 4.28 35.14
C ILE A 454 8.48 3.90 36.45
N VAL A 455 7.26 4.35 36.65
CA VAL A 455 6.49 3.91 37.79
C VAL A 455 5.40 2.98 37.30
N PHE A 456 5.54 1.68 37.56
CA PHE A 456 4.49 0.71 37.21
C PHE A 456 3.47 0.64 38.33
N VAL A 457 2.24 1.05 38.05
CA VAL A 457 1.16 0.94 39.01
C VAL A 457 0.30 -0.27 38.64
N VAL A 458 0.43 -1.33 39.43
CA VAL A 458 -0.22 -2.58 39.15
C VAL A 458 -1.49 -2.71 39.95
N LEU A 459 -2.62 -2.76 39.27
CA LEU A 459 -3.90 -2.88 39.95
C LEU A 459 -4.18 -4.34 40.21
N ARG A 460 -4.05 -4.75 41.47
CA ARG A 460 -4.16 -6.16 41.83
C ARG A 460 -5.55 -6.49 42.38
N ASN A 461 -6.37 -7.17 41.62
CA ASN A 461 -7.67 -7.60 42.12
C ASN A 461 -7.91 -9.11 42.01
N GLY A 462 -6.86 -9.84 41.65
CA GLY A 462 -6.90 -11.30 41.54
C GLY A 462 -7.64 -11.91 40.36
N GLU A 463 -7.90 -11.11 39.32
CA GLU A 463 -8.66 -11.58 38.15
C GLU A 463 -8.36 -10.80 36.87
N TYR A 464 -8.99 -11.23 35.77
CA TYR A 464 -8.88 -10.55 34.46
C TYR A 464 -10.03 -9.57 34.23
N PRO A 477 -18.40 -14.45 33.05
CA PRO A 477 -18.76 -15.34 34.16
C PRO A 477 -20.14 -15.98 33.94
N ASN A 478 -20.24 -17.31 33.95
CA ASN A 478 -19.13 -18.19 34.30
C ASN A 478 -18.25 -18.58 33.12
N VAL A 479 -17.00 -18.10 33.18
CA VAL A 479 -15.96 -18.46 32.24
C VAL A 479 -14.72 -18.90 33.05
N PRO A 480 -14.17 -20.09 32.73
CA PRO A 480 -12.96 -20.59 33.41
C PRO A 480 -11.72 -19.78 33.04
N GLY A 481 -10.71 -19.83 33.92
CA GLY A 481 -9.45 -19.16 33.65
C GLY A 481 -9.45 -17.66 33.84
N LEU A 482 -10.19 -17.16 34.81
CA LEU A 482 -10.28 -15.73 35.01
C LEU A 482 -9.63 -15.32 36.35
N GLN A 483 -9.28 -16.32 37.16
CA GLN A 483 -8.78 -16.11 38.52
C GLN A 483 -7.25 -16.15 38.60
N LEU A 484 -6.65 -15.17 39.30
CA LEU A 484 -5.18 -15.10 39.47
C LEU A 484 -4.67 -15.12 40.90
N PRO A 485 -4.94 -16.23 41.62
CA PRO A 485 -4.47 -16.39 43.00
C PRO A 485 -2.98 -16.75 43.08
N GLY A 486 -2.41 -16.67 44.28
CA GLY A 486 -1.06 -17.17 44.52
C GLY A 486 0.05 -16.48 43.73
N LEU A 487 -0.04 -15.16 43.65
CA LEU A 487 0.98 -14.33 43.01
C LEU A 487 1.49 -13.25 43.98
N ASP A 488 2.79 -13.24 44.25
CA ASP A 488 3.37 -12.17 45.05
C ASP A 488 4.18 -11.28 44.10
N ILE A 489 3.48 -10.32 43.48
CA ILE A 489 4.06 -9.53 42.40
C ILE A 489 5.21 -8.66 42.89
N SER A 490 5.08 -8.17 44.11
CA SER A 490 6.14 -7.38 44.70
C SER A 490 7.47 -8.16 44.78
N SER A 491 7.41 -9.42 45.19
CA SER A 491 8.63 -10.22 45.27
C SER A 491 9.18 -10.53 43.88
N ILE A 492 8.28 -10.76 42.93
CA ILE A 492 8.71 -10.99 41.56
C ILE A 492 9.48 -9.76 41.02
N ALA A 493 8.91 -8.58 41.20
CA ALA A 493 9.51 -7.34 40.70
C ALA A 493 10.88 -7.07 41.31
N ALA A 494 10.98 -7.26 42.62
CA ALA A 494 12.23 -7.09 43.33
C ALA A 494 13.22 -8.11 42.81
N GLY A 495 12.75 -9.33 42.56
CA GLY A 495 13.62 -10.35 41.97
C GLY A 495 14.21 -9.96 40.61
N PHE A 496 13.48 -9.16 39.84
CA PHE A 496 13.95 -8.65 38.54
C PHE A 496 14.70 -7.32 38.72
N GLY A 497 14.83 -6.88 39.96
CA GLY A 497 15.70 -5.74 40.27
C GLY A 497 14.99 -4.40 40.39
N CYS A 498 13.67 -4.39 40.49
CA CYS A 498 12.93 -3.14 40.62
C CYS A 498 12.69 -2.76 42.08
N ARG A 499 12.69 -1.47 42.40
CA ARG A 499 12.11 -1.01 43.66
C ARG A 499 10.66 -1.48 43.68
N THR A 500 10.13 -1.73 44.87
CA THR A 500 8.77 -2.21 44.96
C THR A 500 8.13 -1.86 46.33
N ALA A 501 6.81 -1.88 46.36
CA ALA A 501 6.02 -1.71 47.58
C ALA A 501 4.63 -2.25 47.30
N THR A 502 3.99 -2.83 48.31
CA THR A 502 2.58 -3.17 48.23
C THR A 502 1.90 -2.11 49.10
N VAL A 503 0.97 -1.35 48.53
CA VAL A 503 0.39 -0.23 49.27
C VAL A 503 -0.83 -0.69 50.07
N GLU A 504 -1.01 -0.08 51.24
CA GLU A 504 -2.08 -0.48 52.17
C GLU A 504 -3.25 0.53 52.26
N SER A 505 -3.05 1.70 51.67
CA SER A 505 -4.03 2.76 51.78
C SER A 505 -3.74 3.84 50.74
N THR A 506 -4.71 4.73 50.53
CA THR A 506 -4.50 5.89 49.70
C THR A 506 -3.33 6.73 50.23
N ASP A 507 -3.22 6.87 51.55
CA ASP A 507 -2.11 7.65 52.10
C ASP A 507 -0.77 7.06 51.69
N MET A 508 -0.65 5.74 51.85
CA MET A 508 0.59 5.04 51.49
C MET A 508 0.82 5.06 49.97
N LEU A 509 -0.26 4.91 49.19
CA LEU A 509 -0.14 4.99 47.72
C LEU A 509 0.47 6.33 47.33
N GLU A 510 -0.15 7.40 47.82
CA GLU A 510 0.37 8.73 47.60
C GLU A 510 1.82 8.87 48.01
N ALA A 511 2.16 8.34 49.18
CA ALA A 511 3.52 8.51 49.69
C ALA A 511 4.50 7.72 48.81
N GLU A 512 4.12 6.50 48.47
CA GLU A 512 5.00 5.67 47.67
C GLU A 512 5.18 6.24 46.25
N LEU A 513 4.12 6.87 45.74
CA LEU A 513 4.21 7.55 44.43
C LEU A 513 5.24 8.67 44.44
N LYS A 514 5.23 9.48 45.50
CA LYS A 514 6.20 10.57 45.59
C LYS A 514 7.62 10.02 45.70
N THR A 515 7.82 8.99 46.50
CA THR A 515 9.13 8.37 46.61
C THR A 515 9.56 7.84 45.23
N ALA A 516 8.67 7.09 44.58
CA ALA A 516 8.98 6.50 43.25
C ALA A 516 9.36 7.56 42.21
N LEU A 517 8.63 8.68 42.21
CA LEU A 517 8.94 9.77 41.29
C LEU A 517 10.30 10.40 41.57
N GLN A 518 10.80 10.22 42.78
CA GLN A 518 12.11 10.75 43.16
C GLN A 518 13.23 9.71 43.05
N ALA A 519 12.87 8.44 43.08
CA ALA A 519 13.86 7.37 43.13
C ALA A 519 14.63 7.32 41.82
N ASP A 520 15.80 6.70 41.86
CA ASP A 520 16.49 6.42 40.63
C ASP A 520 16.16 4.99 40.21
N GLY A 521 15.74 4.82 38.96
CA GLY A 521 15.30 3.53 38.49
C GLY A 521 13.83 3.27 38.70
N PRO A 522 13.32 2.18 38.12
CA PRO A 522 11.88 1.97 38.11
C PRO A 522 11.33 1.47 39.44
N THR A 523 10.04 1.72 39.67
CA THR A 523 9.34 1.18 40.83
C THR A 523 8.09 0.43 40.39
N VAL A 524 7.84 -0.72 41.02
CA VAL A 524 6.57 -1.42 40.85
C VAL A 524 5.75 -1.29 42.12
N LEU A 525 4.62 -0.61 42.01
CA LEU A 525 3.71 -0.42 43.14
C LEU A 525 2.51 -1.33 42.96
N VAL A 526 2.33 -2.28 43.86
CA VAL A 526 1.21 -3.21 43.77
C VAL A 526 0.05 -2.68 44.61
N VAL A 527 -1.08 -2.44 43.97
CA VAL A 527 -2.22 -1.76 44.59
C VAL A 527 -3.42 -2.68 44.65
N PRO A 528 -3.76 -3.16 45.85
CA PRO A 528 -4.94 -4.03 45.95
C PRO A 528 -6.15 -3.21 45.64
N THR A 529 -6.94 -3.67 44.67
CA THR A 529 -8.08 -2.90 44.22
C THR A 529 -9.31 -3.77 44.30
N LEU A 530 -10.47 -3.14 44.46
CA LEU A 530 -11.72 -3.88 44.43
C LEU A 530 -12.07 -4.20 42.99
N PRO A 531 -12.45 -5.46 42.74
CA PRO A 531 -12.91 -5.98 41.45
C PRO A 531 -14.10 -5.19 40.89
N GLN A 532 -14.29 -5.21 39.57
CA GLN A 532 -15.38 -4.49 38.91
C GLN A 532 -15.41 -4.76 37.40
N ASP B 3 -40.57 -11.03 -1.76
CA ASP B 3 -40.46 -9.69 -2.34
C ASP B 3 -39.29 -8.88 -1.75
N GLN B 4 -38.64 -9.45 -0.73
CA GLN B 4 -37.45 -8.83 -0.14
C GLN B 4 -36.29 -8.84 -1.13
N LYS B 5 -35.53 -7.74 -1.16
CA LYS B 5 -34.31 -7.64 -1.97
C LYS B 5 -33.31 -8.71 -1.51
N THR B 6 -32.68 -9.38 -2.46
CA THR B 6 -31.62 -10.32 -2.15
C THR B 6 -30.25 -9.64 -2.26
N VAL B 7 -29.24 -10.33 -1.78
CA VAL B 7 -27.86 -9.90 -1.98
C VAL B 7 -27.58 -9.61 -3.47
N HIS B 8 -28.13 -10.44 -4.35
CA HIS B 8 -28.01 -10.26 -5.81
C HIS B 8 -28.61 -8.90 -6.25
N ASP B 9 -29.83 -8.60 -5.79
CA ASP B 9 -30.48 -7.32 -6.14
C ASP B 9 -29.63 -6.13 -5.76
N VAL B 10 -29.27 -6.05 -4.49
CA VAL B 10 -28.59 -4.86 -4.02
C VAL B 10 -27.15 -4.77 -4.53
N THR B 11 -26.52 -5.91 -4.85
CA THR B 11 -25.13 -5.85 -5.33
C THR B 11 -25.09 -5.26 -6.75
N TYR B 12 -25.94 -5.77 -7.64
CA TYR B 12 -26.04 -5.17 -8.97
C TYR B 12 -26.45 -3.69 -8.90
N ASP B 13 -27.36 -3.35 -7.98
CA ASP B 13 -27.69 -1.93 -7.79
C ASP B 13 -26.45 -1.12 -7.44
N LEU B 14 -25.58 -1.66 -6.59
CA LEU B 14 -24.36 -0.94 -6.21
C LEU B 14 -23.42 -0.85 -7.40
N LEU B 15 -23.24 -1.97 -8.09
CA LEU B 15 -22.35 -2.03 -9.25
C LEU B 15 -22.77 -0.94 -10.27
N ARG B 16 -24.07 -0.83 -10.52
CA ARG B 16 -24.56 0.21 -11.45
C ARG B 16 -24.16 1.60 -10.97
N LYS B 17 -24.39 1.92 -9.70
CA LYS B 17 -23.99 3.23 -9.16
C LYS B 17 -22.50 3.50 -9.29
N LEU B 18 -21.68 2.44 -9.17
CA LEU B 18 -20.23 2.57 -9.25
C LEU B 18 -19.75 2.67 -10.69
N GLY B 19 -20.63 2.35 -11.64
CA GLY B 19 -20.25 2.36 -13.05
C GLY B 19 -19.72 1.04 -13.54
N LEU B 20 -19.76 0.02 -12.68
CA LEU B 20 -19.26 -1.31 -13.03
C LEU B 20 -20.31 -2.12 -13.77
N THR B 21 -20.61 -1.73 -15.02
CA THR B 21 -21.75 -2.31 -15.74
C THR B 21 -21.33 -3.20 -16.89
N THR B 22 -20.05 -3.50 -16.97
CA THR B 22 -19.58 -4.45 -17.97
C THR B 22 -18.80 -5.55 -17.27
N VAL B 23 -19.16 -6.80 -17.57
CA VAL B 23 -18.50 -7.94 -16.93
C VAL B 23 -17.79 -8.75 -18.00
N PHE B 24 -16.50 -9.00 -17.79
CA PHE B 24 -15.71 -9.83 -18.70
C PHE B 24 -15.56 -11.18 -18.05
N GLY B 25 -15.81 -12.23 -18.79
CA GLY B 25 -15.58 -13.52 -18.19
C GLY B 25 -15.91 -14.67 -19.09
N ASN B 26 -15.91 -15.83 -18.45
CA ASN B 26 -16.36 -17.05 -19.06
C ASN B 26 -17.14 -17.81 -17.98
N PRO B 27 -18.43 -18.02 -18.22
CA PRO B 27 -19.38 -18.51 -17.20
C PRO B 27 -19.23 -20.01 -16.90
N GLY B 28 -19.47 -20.38 -15.65
CA GLY B 28 -19.52 -21.78 -15.27
C GLY B 28 -20.57 -21.99 -14.20
N SER B 29 -20.74 -23.25 -13.78
CA SER B 29 -21.78 -23.65 -12.85
C SER B 29 -21.75 -22.85 -11.56
N THR B 30 -20.55 -22.61 -11.04
CA THR B 30 -20.35 -21.94 -9.75
C THR B 30 -20.60 -20.44 -9.84
N GLU B 31 -20.75 -19.95 -11.07
CA GLU B 31 -21.07 -18.53 -11.29
C GLU B 31 -22.55 -18.32 -11.74
N GLU B 32 -23.28 -19.41 -11.99
CA GLU B 32 -24.67 -19.25 -12.45
C GLU B 32 -25.56 -18.38 -11.52
N SER B 33 -25.43 -18.55 -10.21
CA SER B 33 -26.31 -17.76 -9.34
C SER B 33 -25.94 -16.29 -9.36
N PHE B 34 -24.70 -15.97 -9.72
CA PHE B 34 -24.28 -14.57 -9.85
C PHE B 34 -24.84 -13.95 -11.14
N LEU B 35 -24.74 -14.71 -12.23
CA LEU B 35 -25.03 -14.23 -13.58
C LEU B 35 -26.51 -14.29 -13.95
N ARG B 36 -27.25 -15.12 -13.24
CA ARG B 36 -28.69 -15.28 -13.44
C ARG B 36 -29.42 -13.93 -13.32
N ASP B 37 -30.41 -13.67 -14.17
CA ASP B 37 -31.13 -12.40 -14.13
C ASP B 37 -30.19 -11.23 -14.27
N PHE B 38 -29.19 -11.39 -15.11
CA PHE B 38 -28.22 -10.34 -15.37
C PHE B 38 -29.03 -9.10 -15.82
N PRO B 39 -28.83 -7.93 -15.19
CA PRO B 39 -29.62 -6.75 -15.55
C PRO B 39 -29.50 -6.36 -17.02
N GLU B 40 -30.59 -5.87 -17.56
CA GLU B 40 -30.70 -5.54 -18.98
C GLU B 40 -29.75 -4.43 -19.42
N ASP B 41 -29.45 -3.50 -18.53
CA ASP B 41 -28.56 -2.38 -18.88
C ASP B 41 -27.07 -2.72 -18.64
N PHE B 42 -26.78 -3.95 -18.20
CA PHE B 42 -25.38 -4.37 -18.02
C PHE B 42 -24.93 -5.09 -19.29
N THR B 43 -23.63 -5.19 -19.49
CA THR B 43 -23.08 -5.88 -20.65
C THR B 43 -22.13 -7.01 -20.23
N TYR B 44 -22.35 -8.20 -20.78
CA TYR B 44 -21.49 -9.32 -20.51
C TYR B 44 -20.61 -9.52 -21.74
N VAL B 45 -19.29 -9.50 -21.55
CA VAL B 45 -18.39 -9.74 -22.67
C VAL B 45 -17.77 -11.10 -22.54
N LEU B 46 -18.17 -12.02 -23.41
CA LEU B 46 -17.67 -13.39 -23.37
C LEU B 46 -16.35 -13.57 -24.13
N SER B 47 -15.38 -14.21 -23.46
CA SER B 47 -14.13 -14.69 -24.04
C SER B 47 -14.14 -16.18 -23.96
N LEU B 48 -13.50 -16.83 -24.94
CA LEU B 48 -13.39 -18.28 -24.99
C LEU B 48 -12.41 -18.90 -23.98
N GLN B 49 -11.53 -18.09 -23.37
CA GLN B 49 -10.60 -18.60 -22.36
C GLN B 49 -10.28 -17.47 -21.40
N GLU B 50 -10.03 -17.81 -20.14
CA GLU B 50 -9.92 -16.82 -19.07
C GLU B 50 -8.70 -15.91 -19.17
N ALA B 51 -7.59 -16.38 -19.75
CA ALA B 51 -6.45 -15.47 -19.91
C ALA B 51 -6.89 -14.27 -20.74
N SER B 52 -7.71 -14.55 -21.76
CA SER B 52 -8.25 -13.52 -22.63
C SER B 52 -9.26 -12.62 -21.91
N ALA B 53 -10.15 -13.21 -21.11
CA ALA B 53 -11.13 -12.42 -20.38
C ALA B 53 -10.44 -11.36 -19.53
N LEU B 54 -9.43 -11.74 -18.77
CA LEU B 54 -8.85 -10.80 -17.83
C LEU B 54 -8.00 -9.74 -18.57
N ALA B 55 -7.24 -10.15 -19.59
CA ALA B 55 -6.43 -9.20 -20.38
C ALA B 55 -7.34 -8.24 -21.16
N MET B 56 -8.50 -8.74 -21.59
CA MET B 56 -9.50 -7.90 -22.27
C MET B 56 -10.01 -6.85 -21.29
N ALA B 57 -10.29 -7.25 -20.06
CA ALA B 57 -10.78 -6.32 -19.05
C ALA B 57 -9.72 -5.29 -18.78
N ASP B 58 -8.47 -5.74 -18.76
CA ASP B 58 -7.31 -4.87 -18.53
C ASP B 58 -7.32 -3.77 -19.62
N GLY B 59 -7.38 -4.17 -20.88
CA GLY B 59 -7.41 -3.18 -21.97
C GLY B 59 -8.62 -2.25 -21.90
N PHE B 60 -9.78 -2.80 -21.53
CA PHE B 60 -10.99 -2.02 -21.36
C PHE B 60 -10.82 -0.96 -20.29
N ALA B 61 -10.35 -1.38 -19.12
CA ALA B 61 -10.12 -0.47 -18.01
C ALA B 61 -9.09 0.61 -18.36
N GLN B 62 -8.04 0.23 -19.08
CA GLN B 62 -7.02 1.22 -19.41
C GLN B 62 -7.55 2.26 -20.39
N ALA B 63 -8.32 1.82 -21.37
CA ALA B 63 -8.88 2.71 -22.40
C ALA B 63 -9.97 3.62 -21.83
N THR B 64 -10.80 3.10 -20.93
CA THR B 64 -11.87 3.89 -20.34
C THR B 64 -11.37 4.73 -19.15
N GLY B 65 -10.22 4.41 -18.59
CA GLY B 65 -9.77 5.09 -17.37
C GLY B 65 -10.69 4.80 -16.19
N LYS B 66 -11.31 3.61 -16.20
CA LYS B 66 -12.25 3.23 -15.16
C LYS B 66 -12.05 1.77 -14.82
N PRO B 67 -12.44 1.37 -13.59
CA PRO B 67 -12.27 -0.05 -13.18
C PRO B 67 -13.17 -0.95 -13.99
N ALA B 68 -12.84 -2.23 -14.05
CA ALA B 68 -13.65 -3.21 -14.79
C ALA B 68 -13.77 -4.47 -13.96
N LEU B 69 -14.85 -5.20 -14.20
CA LEU B 69 -15.21 -6.37 -13.42
C LEU B 69 -14.95 -7.62 -14.24
N VAL B 70 -14.31 -8.61 -13.64
CA VAL B 70 -14.04 -9.84 -14.32
C VAL B 70 -14.73 -10.95 -13.51
N ASN B 71 -15.27 -11.97 -14.19
CA ASN B 71 -15.92 -13.07 -13.46
C ASN B 71 -15.43 -14.39 -13.98
N LEU B 72 -14.85 -15.20 -13.08
CA LEU B 72 -14.11 -16.41 -13.47
C LEU B 72 -14.68 -17.64 -12.77
N HIS B 73 -14.48 -18.80 -13.37
CA HIS B 73 -15.02 -20.04 -12.88
C HIS B 73 -14.16 -20.75 -11.79
N THR B 74 -14.49 -20.48 -10.53
CA THR B 74 -13.84 -21.10 -9.35
C THR B 74 -12.30 -21.23 -9.52
N ALA B 75 -11.70 -22.32 -9.05
CA ALA B 75 -10.23 -22.40 -9.05
C ALA B 75 -9.65 -22.52 -10.46
N ALA B 76 -10.37 -23.26 -11.29
CA ALA B 76 -9.98 -23.59 -12.66
C ALA B 76 -9.86 -22.34 -13.52
N GLY B 77 -10.92 -21.53 -13.47
CA GLY B 77 -10.98 -20.31 -14.26
C GLY B 77 -10.04 -19.26 -13.68
N THR B 78 -10.04 -19.15 -12.35
CA THR B 78 -9.11 -18.22 -11.72
C THR B 78 -7.69 -18.58 -12.16
N GLY B 79 -7.40 -19.86 -12.15
CA GLY B 79 -6.05 -20.30 -12.46
C GLY B 79 -5.66 -19.96 -13.89
N ASN B 80 -6.58 -20.18 -14.84
CA ASN B 80 -6.32 -19.88 -16.25
C ASN B 80 -5.97 -18.42 -16.51
N ALA B 81 -6.45 -17.53 -15.63
CA ALA B 81 -6.25 -16.08 -15.74
C ALA B 81 -5.02 -15.53 -15.03
N MET B 82 -4.28 -16.38 -14.29
CA MET B 82 -3.22 -15.88 -13.42
C MET B 82 -2.10 -15.19 -14.18
N GLY B 83 -1.84 -15.61 -15.42
CA GLY B 83 -0.80 -14.96 -16.23
C GLY B 83 -1.19 -13.55 -16.60
N SER B 84 -2.42 -13.38 -17.07
CA SER B 84 -2.92 -12.03 -17.36
C SER B 84 -3.03 -11.20 -16.08
N LEU B 85 -3.30 -11.87 -14.95
CA LEU B 85 -3.36 -11.17 -13.68
C LEU B 85 -2.00 -10.44 -13.36
N VAL B 86 -0.88 -11.13 -13.56
CA VAL B 86 0.44 -10.53 -13.35
C VAL B 86 0.58 -9.26 -14.20
N ALA B 87 0.20 -9.35 -15.47
CA ALA B 87 0.23 -8.18 -16.36
C ALA B 87 -0.61 -7.01 -15.84
N ALA B 88 -1.85 -7.28 -15.40
CA ALA B 88 -2.73 -6.25 -14.88
C ALA B 88 -2.13 -5.65 -13.60
N TYR B 89 -1.57 -6.51 -12.76
CA TYR B 89 -0.98 -6.05 -11.53
C TYR B 89 0.25 -5.13 -11.84
N ARG B 90 1.11 -5.55 -12.76
CA ARG B 90 2.27 -4.71 -13.15
C ARG B 90 1.85 -3.39 -13.81
N ALA B 91 0.73 -3.38 -14.53
CA ALA B 91 0.19 -2.15 -15.15
C ALA B 91 -0.58 -1.23 -14.19
N ASN B 92 -0.70 -1.62 -12.93
CA ASN B 92 -1.56 -0.88 -12.00
C ASN B 92 -3.01 -0.67 -12.52
N THR B 93 -3.59 -1.72 -13.07
CA THR B 93 -4.93 -1.61 -13.61
C THR B 93 -5.97 -1.97 -12.53
N PRO B 94 -6.97 -1.08 -12.30
CA PRO B 94 -7.99 -1.36 -11.29
C PRO B 94 -9.01 -2.40 -11.75
N LEU B 95 -8.70 -3.68 -11.61
CA LEU B 95 -9.65 -4.72 -11.98
C LEU B 95 -10.24 -5.35 -10.73
N ILE B 96 -11.54 -5.57 -10.74
CA ILE B 96 -12.17 -6.37 -9.68
C ILE B 96 -12.39 -7.78 -10.23
N ILE B 97 -11.58 -8.71 -9.75
CA ILE B 97 -11.66 -10.08 -10.24
C ILE B 97 -12.55 -10.86 -9.27
N THR B 98 -13.60 -11.49 -9.77
CA THR B 98 -14.45 -12.34 -8.92
C THR B 98 -14.47 -13.73 -9.50
N ALA B 99 -14.66 -14.70 -8.60
CA ALA B 99 -14.83 -16.07 -8.99
C ALA B 99 -15.97 -16.66 -8.14
N GLY B 100 -16.71 -17.58 -8.72
CA GLY B 100 -17.69 -18.32 -7.94
C GLY B 100 -16.95 -19.28 -7.04
N GLN B 101 -17.63 -19.74 -6.00
CA GLN B 101 -17.06 -20.66 -5.03
C GLN B 101 -18.15 -21.70 -4.69
N GLN B 102 -17.78 -22.88 -4.22
CA GLN B 102 -18.79 -23.86 -3.82
C GLN B 102 -19.68 -23.32 -2.69
N THR B 103 -20.90 -23.82 -2.63
CA THR B 103 -21.88 -23.36 -1.65
C THR B 103 -21.35 -23.55 -0.22
N ARG B 104 -21.67 -22.61 0.66
CA ARG B 104 -21.35 -22.77 2.08
C ARG B 104 -21.98 -24.03 2.66
N GLU B 105 -23.01 -24.59 1.99
CA GLU B 105 -23.70 -25.77 2.52
C GLU B 105 -22.86 -27.03 2.40
N MET B 106 -21.84 -27.03 1.55
CA MET B 106 -21.08 -28.27 1.27
C MET B 106 -19.57 -28.08 1.28
N SER B 107 -19.08 -26.84 1.20
CA SER B 107 -17.66 -26.60 0.93
C SER B 107 -16.71 -27.27 1.96
N VAL B 108 -17.19 -27.47 3.18
CA VAL B 108 -16.35 -28.09 4.22
C VAL B 108 -15.83 -29.49 3.82
N VAL B 109 -16.56 -30.22 2.97
CA VAL B 109 -16.17 -31.57 2.58
C VAL B 109 -15.28 -31.53 1.33
N ASP B 110 -14.94 -30.33 0.89
CA ASP B 110 -14.12 -30.12 -0.31
C ASP B 110 -14.74 -30.79 -1.53
N PRO B 111 -15.95 -30.38 -1.91
CA PRO B 111 -16.66 -31.02 -3.01
C PRO B 111 -16.06 -30.67 -4.38
N TYR B 112 -16.63 -31.23 -5.45
CA TYR B 112 -16.11 -31.02 -6.81
C TYR B 112 -16.17 -29.53 -7.12
N LEU B 113 -15.09 -29.03 -7.72
CA LEU B 113 -14.95 -27.61 -8.11
C LEU B 113 -15.00 -26.63 -6.94
N ASN B 114 -14.79 -27.12 -5.73
CA ASN B 114 -14.49 -26.26 -4.59
C ASN B 114 -13.18 -25.53 -4.87
N ASN B 115 -13.02 -24.35 -4.29
CA ASN B 115 -11.81 -23.57 -4.41
C ASN B 115 -11.28 -23.32 -2.99
N PRO B 116 -10.70 -24.35 -2.36
CA PRO B 116 -10.21 -24.25 -0.97
C PRO B 116 -9.07 -23.25 -0.84
N ASP B 117 -9.08 -22.48 0.26
CA ASP B 117 -8.07 -21.46 0.48
C ASP B 117 -7.99 -20.55 -0.75
N ALA B 118 -9.15 -20.14 -1.26
CA ALA B 118 -9.25 -19.31 -2.46
C ALA B 118 -8.45 -18.03 -2.40
N THR B 119 -8.41 -17.37 -1.24
CA THR B 119 -7.72 -16.09 -1.14
C THR B 119 -6.19 -16.22 -1.35
N THR B 120 -5.63 -17.39 -1.12
CA THR B 120 -4.19 -17.59 -1.31
C THR B 120 -3.82 -17.70 -2.78
N MET B 121 -4.75 -18.22 -3.59
CA MET B 121 -4.44 -18.55 -4.98
C MET B 121 -3.88 -17.40 -5.84
N PRO B 122 -4.56 -16.24 -5.86
CA PRO B 122 -4.03 -15.18 -6.75
C PRO B 122 -2.83 -14.45 -6.13
N LYS B 123 -2.54 -14.69 -4.87
CA LYS B 123 -1.36 -14.13 -4.24
C LYS B 123 -0.11 -14.66 -4.96
N PRO B 124 0.91 -13.84 -5.16
CA PRO B 124 0.99 -12.49 -4.66
C PRO B 124 0.65 -11.41 -5.70
N TRP B 125 -0.30 -11.65 -6.55
CA TRP B 125 -0.56 -10.71 -7.65
C TRP B 125 -1.87 -9.91 -7.54
N VAL B 126 -2.33 -9.67 -6.31
CA VAL B 126 -3.46 -8.77 -6.12
C VAL B 126 -3.18 -7.84 -4.94
N LYS B 127 -3.78 -6.64 -4.94
CA LYS B 127 -3.69 -5.76 -3.79
C LYS B 127 -4.42 -6.34 -2.59
N TRP B 128 -5.40 -7.21 -2.84
CA TRP B 128 -6.30 -7.66 -1.80
C TRP B 128 -7.06 -8.85 -2.32
N SER B 129 -7.32 -9.80 -1.44
CA SER B 129 -7.94 -11.07 -1.81
C SER B 129 -8.91 -11.41 -0.66
N TYR B 130 -10.18 -11.71 -0.95
CA TYR B 130 -11.15 -11.85 0.15
C TYR B 130 -12.31 -12.76 -0.21
N GLU B 131 -12.77 -13.53 0.78
CA GLU B 131 -14.02 -14.30 0.66
C GLU B 131 -14.87 -13.89 1.87
N PRO B 132 -16.06 -13.29 1.64
CA PRO B 132 -16.84 -12.78 2.79
C PRO B 132 -17.18 -13.86 3.82
N ALA B 133 -17.15 -13.47 5.09
CA ALA B 133 -17.47 -14.35 6.23
C ALA B 133 -18.98 -14.70 6.24
N ARG B 134 -19.79 -13.97 5.47
CA ARG B 134 -21.21 -14.28 5.39
C ARG B 134 -21.83 -13.65 4.15
N ALA B 135 -22.91 -14.26 3.65
CA ALA B 135 -23.62 -13.77 2.46
C ALA B 135 -23.95 -12.29 2.52
N GLU B 136 -24.32 -11.83 3.71
CA GLU B 136 -24.86 -10.45 3.85
C GLU B 136 -23.85 -9.36 3.61
N ASP B 137 -22.56 -9.72 3.69
CA ASP B 137 -21.49 -8.74 3.50
C ASP B 137 -20.98 -8.72 2.06
N VAL B 138 -21.56 -9.54 1.18
CA VAL B 138 -21.12 -9.53 -0.23
C VAL B 138 -21.18 -8.10 -0.82
N PRO B 139 -22.30 -7.37 -0.60
CA PRO B 139 -22.35 -6.02 -1.19
C PRO B 139 -21.27 -5.09 -0.65
N ALA B 140 -21.12 -5.01 0.68
CA ALA B 140 -20.04 -4.19 1.24
C ALA B 140 -18.66 -4.67 0.74
N ALA B 141 -18.50 -5.97 0.46
CA ALA B 141 -17.22 -6.51 -0.01
C ALA B 141 -16.89 -6.00 -1.41
N PHE B 142 -17.91 -5.90 -2.26
CA PHE B 142 -17.74 -5.25 -3.56
C PHE B 142 -17.34 -3.78 -3.43
N MET B 143 -17.96 -3.07 -2.50
CA MET B 143 -17.63 -1.64 -2.34
C MET B 143 -16.17 -1.54 -1.92
N GLN B 144 -15.79 -2.43 -1.02
CA GLN B 144 -14.44 -2.47 -0.51
C GLN B 144 -13.45 -2.86 -1.64
N ALA B 145 -13.86 -3.81 -2.49
CA ALA B 145 -12.97 -4.23 -3.58
C ALA B 145 -12.67 -3.01 -4.46
N TYR B 146 -13.72 -2.24 -4.78
CA TYR B 146 -13.60 -1.01 -5.58
C TYR B 146 -12.70 0.00 -4.88
N ALA B 147 -12.89 0.17 -3.56
CA ALA B 147 -12.06 1.08 -2.80
C ALA B 147 -10.57 0.70 -2.87
N VAL B 148 -10.27 -0.59 -2.72
CA VAL B 148 -8.87 -1.01 -2.72
C VAL B 148 -8.26 -0.85 -4.12
N ALA B 149 -8.97 -1.33 -5.14
CA ALA B 149 -8.54 -1.24 -6.52
C ALA B 149 -8.24 0.20 -6.95
N MET B 150 -9.05 1.14 -6.47
CA MET B 150 -9.06 2.51 -7.01
C MET B 150 -8.16 3.45 -6.25
N GLN B 151 -7.80 3.12 -5.02
CA GLN B 151 -6.88 3.96 -4.27
C GLN B 151 -5.46 3.72 -4.78
N PRO B 152 -4.62 4.77 -4.75
CA PRO B 152 -3.31 4.67 -5.41
C PRO B 152 -2.29 3.88 -4.58
N PRO B 153 -1.39 3.11 -5.23
CA PRO B 153 -1.43 2.88 -6.68
C PRO B 153 -2.49 1.85 -7.02
N MET B 154 -3.19 2.05 -8.13
CA MET B 154 -4.28 1.17 -8.51
C MET B 154 -3.78 -0.22 -8.80
N GLY B 155 -4.69 -1.20 -8.77
CA GLY B 155 -4.31 -2.55 -9.06
C GLY B 155 -5.47 -3.53 -8.91
N PRO B 156 -5.25 -4.78 -9.30
CA PRO B 156 -6.37 -5.73 -9.30
C PRO B 156 -6.63 -6.29 -7.91
N VAL B 157 -7.87 -6.67 -7.65
CA VAL B 157 -8.20 -7.33 -6.39
C VAL B 157 -9.04 -8.57 -6.67
N PHE B 158 -9.12 -9.47 -5.69
CA PHE B 158 -9.83 -10.74 -5.88
C PHE B 158 -10.92 -10.95 -4.81
N LEU B 159 -12.10 -11.34 -5.27
CA LEU B 159 -13.23 -11.64 -4.38
C LEU B 159 -13.78 -12.98 -4.76
N SER B 160 -13.87 -13.88 -3.79
CA SER B 160 -14.41 -15.21 -3.99
C SER B 160 -15.79 -15.25 -3.34
N ILE B 161 -16.83 -15.65 -4.08
CA ILE B 161 -18.20 -15.60 -3.55
C ILE B 161 -18.92 -16.97 -3.62
N PRO B 162 -19.11 -17.60 -2.47
CA PRO B 162 -19.89 -18.86 -2.41
C PRO B 162 -21.23 -18.72 -3.16
N LEU B 163 -21.55 -19.70 -4.00
CA LEU B 163 -22.68 -19.53 -4.92
C LEU B 163 -24.04 -19.34 -4.22
N ASP B 164 -24.13 -19.73 -2.96
CA ASP B 164 -25.42 -19.69 -2.27
C ASP B 164 -25.67 -18.31 -1.70
N ASP B 165 -24.64 -17.44 -1.74
CA ASP B 165 -24.77 -16.13 -1.10
C ASP B 165 -25.81 -15.25 -1.81
N TRP B 166 -25.89 -15.39 -3.13
CA TRP B 166 -26.56 -14.39 -3.96
C TRP B 166 -28.07 -14.34 -3.71
N ASP B 167 -28.65 -15.49 -3.36
CA ASP B 167 -30.09 -15.56 -3.13
C ASP B 167 -30.49 -15.26 -1.69
N LYS B 168 -29.55 -14.93 -0.83
CA LYS B 168 -29.90 -14.59 0.53
C LYS B 168 -30.55 -13.19 0.63
N PRO B 169 -31.43 -12.99 1.62
CA PRO B 169 -32.00 -11.65 1.83
C PRO B 169 -30.89 -10.63 2.09
N ALA B 170 -30.93 -9.47 1.42
CA ALA B 170 -29.96 -8.41 1.71
C ALA B 170 -30.27 -7.75 3.05
N LEU B 171 -29.28 -7.13 3.67
CA LEU B 171 -29.49 -6.33 4.87
C LEU B 171 -30.25 -5.04 4.55
N GLY B 172 -30.22 -4.61 3.30
CA GLY B 172 -30.78 -3.33 2.90
C GLY B 172 -29.98 -2.86 1.69
N PRO B 173 -30.18 -1.60 1.25
CA PRO B 173 -29.35 -1.13 0.14
C PRO B 173 -27.87 -1.02 0.55
N ALA B 174 -26.96 -1.21 -0.39
CA ALA B 174 -25.53 -1.09 -0.07
C ALA B 174 -25.14 0.38 -0.01
N ALA B 175 -24.34 0.76 0.98
CA ALA B 175 -23.81 2.11 1.06
C ALA B 175 -22.89 2.36 -0.12
N VAL B 176 -22.95 3.56 -0.67
CA VAL B 176 -22.17 3.94 -1.83
C VAL B 176 -21.10 4.87 -1.31
N ARG B 177 -19.83 4.49 -1.49
CA ARG B 177 -18.75 5.33 -0.99
C ARG B 177 -17.95 5.81 -2.14
N SER B 178 -17.11 6.82 -1.89
CA SER B 178 -16.13 7.28 -2.87
C SER B 178 -14.79 7.42 -2.16
N VAL B 179 -13.69 7.24 -2.91
CA VAL B 179 -12.35 7.25 -2.33
C VAL B 179 -11.41 8.19 -3.13
N SER B 180 -10.29 8.58 -2.53
CA SER B 180 -9.17 9.21 -3.22
C SER B 180 -8.63 8.31 -4.33
N THR B 181 -8.52 8.79 -5.57
CA THR B 181 -7.78 8.04 -6.59
C THR B 181 -6.38 8.62 -6.81
N ARG B 182 -6.06 9.69 -6.07
CA ARG B 182 -4.75 10.34 -6.16
C ARG B 182 -4.36 10.77 -4.77
N VAL B 183 -3.05 10.76 -4.49
CA VAL B 183 -2.51 11.56 -3.40
C VAL B 183 -1.51 12.55 -4.02
N ALA B 184 -1.24 13.66 -3.34
CA ALA B 184 -0.29 14.64 -3.87
C ALA B 184 1.06 14.44 -3.21
N PRO B 185 2.14 14.84 -3.90
CA PRO B 185 3.46 14.86 -3.26
C PRO B 185 3.45 15.74 -1.99
N ASP B 186 4.21 15.36 -0.99
CA ASP B 186 4.45 16.21 0.16
C ASP B 186 5.04 17.52 -0.41
N ALA B 187 4.40 18.66 -0.14
CA ALA B 187 4.78 19.92 -0.81
C ALA B 187 6.19 20.36 -0.43
N GLU B 188 6.56 20.12 0.82
CA GLU B 188 7.87 20.50 1.27
C GLU B 188 8.97 19.64 0.63
N ARG B 189 8.67 18.36 0.38
CA ARG B 189 9.65 17.50 -0.25
C ARG B 189 9.69 17.82 -1.75
N LEU B 190 8.53 18.08 -2.36
CA LEU B 190 8.50 18.40 -3.77
C LEU B 190 9.29 19.71 -4.02
N ALA B 191 9.15 20.69 -3.12
CA ALA B 191 9.90 21.94 -3.21
C ALA B 191 11.40 21.66 -3.07
N GLN B 192 11.78 20.73 -2.19
CA GLN B 192 13.18 20.36 -2.10
C GLN B 192 13.68 19.80 -3.44
N PHE B 193 12.87 18.96 -4.09
CA PHE B 193 13.25 18.36 -5.37
C PHE B 193 13.43 19.46 -6.44
N ALA B 194 12.51 20.41 -6.46
CA ALA B 194 12.57 21.52 -7.40
C ALA B 194 13.86 22.31 -7.24
N GLU B 195 14.26 22.53 -5.99
CA GLU B 195 15.50 23.25 -5.74
C GLU B 195 16.68 22.46 -6.30
N ARG B 196 16.65 21.14 -6.16
CA ARG B 196 17.76 20.32 -6.64
C ARG B 196 17.80 20.37 -8.19
N ILE B 197 16.62 20.42 -8.78
CA ILE B 197 16.49 20.50 -10.23
C ILE B 197 17.03 21.86 -10.72
N ASN B 198 16.73 22.94 -10.00
CA ASN B 198 17.16 24.28 -10.40
C ASN B 198 18.69 24.33 -10.41
N ALA B 199 19.30 23.56 -9.52
CA ALA B 199 20.75 23.56 -9.37
C ALA B 199 21.47 22.73 -10.41
N ALA B 200 20.77 21.84 -11.11
CA ALA B 200 21.45 20.99 -12.08
C ALA B 200 22.01 21.81 -13.25
N LYS B 201 23.16 21.42 -13.76
CA LYS B 201 23.68 22.07 -14.96
C LYS B 201 23.25 21.32 -16.19
N HIS B 202 23.18 19.99 -16.08
CA HIS B 202 22.86 19.12 -17.22
C HIS B 202 21.83 18.07 -16.80
N PRO B 203 20.57 18.48 -16.62
CA PRO B 203 19.56 17.52 -16.18
C PRO B 203 19.03 16.69 -17.35
N MET B 204 18.46 15.55 -17.02
CA MET B 204 17.73 14.76 -18.00
C MET B 204 16.42 14.30 -17.38
N LEU B 205 15.37 14.23 -18.18
CA LEU B 205 14.05 13.89 -17.70
C LEU B 205 13.59 12.57 -18.31
N VAL B 206 13.06 11.68 -17.46
CA VAL B 206 12.45 10.43 -17.92
C VAL B 206 10.98 10.46 -17.56
N LEU B 207 10.12 10.26 -18.56
CA LEU B 207 8.67 10.22 -18.39
C LEU B 207 8.20 8.83 -18.76
N GLY B 208 7.75 8.09 -17.74
CA GLY B 208 7.36 6.71 -17.89
C GLY B 208 5.85 6.52 -17.97
N PRO B 209 5.42 5.25 -18.03
CA PRO B 209 4.01 4.90 -18.25
C PRO B 209 3.00 5.51 -17.24
N GLU B 210 3.40 5.83 -16.01
CA GLU B 210 2.43 6.36 -15.05
C GLU B 210 1.88 7.67 -15.54
N VAL B 211 2.65 8.37 -16.36
CA VAL B 211 2.25 9.71 -16.81
C VAL B 211 1.04 9.63 -17.71
N ASP B 212 1.11 8.76 -18.72
CA ASP B 212 -0.04 8.55 -19.59
C ASP B 212 -1.25 8.00 -18.80
N ARG B 213 -1.02 7.07 -17.86
CA ARG B 213 -2.12 6.52 -17.09
C ARG B 213 -2.78 7.55 -16.17
N ALA B 214 -2.00 8.55 -15.74
CA ALA B 214 -2.60 9.65 -14.98
C ALA B 214 -3.30 10.72 -15.86
N GLY B 215 -3.27 10.58 -17.18
CA GLY B 215 -3.88 11.60 -18.04
C GLY B 215 -2.99 12.85 -18.02
N ALA B 216 -1.69 12.67 -17.79
CA ALA B 216 -0.80 13.82 -17.57
C ALA B 216 0.10 14.15 -18.79
N TRP B 217 -0.31 13.71 -19.96
CA TRP B 217 0.43 13.97 -21.19
C TRP B 217 0.78 15.48 -21.36
N ASP B 218 -0.23 16.34 -21.25
CA ASP B 218 0.00 17.77 -21.44
C ASP B 218 0.86 18.34 -20.34
N ALA B 219 0.62 17.93 -19.09
CA ALA B 219 1.41 18.44 -17.99
C ALA B 219 2.86 18.01 -18.14
N GLY B 220 3.09 16.82 -18.69
CA GLY B 220 4.46 16.36 -18.87
C GLY B 220 5.18 17.23 -19.92
N ILE B 221 4.46 17.53 -21.00
CA ILE B 221 5.00 18.38 -22.06
C ILE B 221 5.32 19.79 -21.53
N GLU B 222 4.40 20.36 -20.79
CA GLU B 222 4.59 21.69 -20.24
C GLU B 222 5.81 21.74 -19.31
N PHE B 223 5.95 20.73 -18.45
CA PHE B 223 7.14 20.67 -17.61
C PHE B 223 8.41 20.46 -18.43
N ALA B 224 8.36 19.54 -19.38
CA ALA B 224 9.55 19.20 -20.14
C ALA B 224 10.03 20.43 -20.92
N GLU B 225 9.07 21.20 -21.46
CA GLU B 225 9.43 22.39 -22.25
C GLU B 225 10.03 23.51 -21.41
N LYS B 226 9.51 23.75 -20.22
CA LYS B 226 10.15 24.67 -19.30
C LYS B 226 11.54 24.23 -18.89
N LEU B 227 11.69 22.97 -18.51
CA LEU B 227 13.00 22.50 -18.08
C LEU B 227 14.04 22.52 -19.21
N GLY B 228 13.62 22.21 -20.44
CA GLY B 228 14.49 22.27 -21.60
C GLY B 228 15.48 21.11 -21.70
N ALA B 229 15.27 20.07 -20.88
CA ALA B 229 16.20 18.93 -20.87
C ALA B 229 15.77 17.86 -21.88
N PRO B 230 16.70 16.97 -22.26
CA PRO B 230 16.24 15.84 -23.08
C PRO B 230 15.28 14.97 -22.27
N VAL B 231 14.29 14.42 -22.95
CA VAL B 231 13.26 13.59 -22.30
C VAL B 231 13.34 12.16 -22.85
N HIS B 232 13.74 11.19 -22.02
CA HIS B 232 13.68 9.77 -22.39
C HIS B 232 12.36 9.12 -22.00
N ALA B 233 12.00 8.06 -22.68
CA ALA B 233 10.88 7.23 -22.25
C ALA B 233 11.44 5.99 -21.54
N SER B 234 10.56 5.23 -20.90
CA SER B 234 10.94 3.96 -20.30
C SER B 234 11.40 3.00 -21.37
N ALA B 235 12.36 2.15 -21.04
CA ALA B 235 12.61 0.97 -21.88
C ALA B 235 11.36 0.07 -21.79
N LEU B 236 11.11 -0.71 -22.83
CA LEU B 236 10.06 -1.71 -22.73
C LEU B 236 8.74 -1.12 -22.20
N PRO B 237 8.29 -0.01 -22.80
CA PRO B 237 7.13 0.72 -22.28
C PRO B 237 5.84 -0.07 -22.47
N ASP B 238 4.97 -0.11 -21.45
CA ASP B 238 3.61 -0.61 -21.65
C ASP B 238 2.68 0.57 -21.98
N ARG B 239 3.14 1.80 -21.73
CA ARG B 239 2.46 3.01 -22.19
C ARG B 239 3.51 4.01 -22.64
N MET B 240 3.13 4.92 -23.52
CA MET B 240 3.99 6.06 -23.90
C MET B 240 3.34 7.36 -23.51
N SER B 241 4.12 8.23 -22.85
CA SER B 241 3.57 9.33 -22.08
C SER B 241 4.05 10.69 -22.59
N PHE B 242 4.85 10.70 -23.64
CA PHE B 242 5.42 11.96 -24.16
C PHE B 242 5.57 11.83 -25.67
N PRO B 243 5.17 12.86 -26.43
CA PRO B 243 5.13 12.78 -27.91
C PRO B 243 6.50 12.43 -28.49
N GLU B 244 6.53 11.39 -29.30
CA GLU B 244 7.81 10.87 -29.75
C GLU B 244 8.40 11.68 -30.92
N ASP B 245 7.60 12.61 -31.45
CA ASP B 245 8.07 13.59 -32.45
C ASP B 245 8.47 14.92 -31.81
N HIS B 246 8.48 15.02 -30.48
CA HIS B 246 8.90 16.24 -29.81
C HIS B 246 10.40 16.51 -29.92
N PRO B 247 10.80 17.80 -30.12
CA PRO B 247 12.22 18.15 -30.30
C PRO B 247 13.06 17.72 -29.11
N LEU B 248 12.46 17.65 -27.92
CA LEU B 248 13.23 17.24 -26.74
C LEU B 248 13.33 15.71 -26.57
N TYR B 249 12.58 14.95 -27.38
CA TYR B 249 12.52 13.50 -27.16
C TYR B 249 13.83 12.82 -27.48
N ALA B 250 14.33 12.03 -26.54
CA ALA B 250 15.56 11.33 -26.74
C ALA B 250 15.39 9.81 -26.85
N GLY B 251 14.14 9.35 -26.93
CA GLY B 251 13.87 7.94 -27.13
C GLY B 251 13.89 7.15 -25.82
N PRO B 252 13.61 5.85 -25.90
CA PRO B 252 13.60 4.99 -24.71
C PRO B 252 14.99 4.82 -24.14
N LEU B 253 15.10 4.68 -22.83
CA LEU B 253 16.35 4.30 -22.19
C LEU B 253 16.77 2.90 -22.66
N PRO B 254 18.07 2.61 -22.56
CA PRO B 254 18.52 1.23 -22.74
C PRO B 254 17.91 0.34 -21.65
N MET B 255 17.99 -0.98 -21.83
CA MET B 255 17.34 -1.93 -20.94
C MET B 255 18.32 -2.72 -20.10
N THR B 256 19.56 -2.25 -20.01
CA THR B 256 20.56 -2.92 -19.15
C THR B 256 21.18 -1.91 -18.18
N ILE B 257 21.78 -2.42 -17.12
CA ILE B 257 22.48 -1.58 -16.15
C ILE B 257 23.63 -0.80 -16.85
N ALA B 258 24.49 -1.52 -17.56
CA ALA B 258 25.63 -0.87 -18.25
C ALA B 258 25.14 0.16 -19.26
N GLY B 259 24.06 -0.16 -19.96
CA GLY B 259 23.55 0.74 -20.98
C GLY B 259 22.97 2.04 -20.42
N VAL B 260 22.15 1.92 -19.39
CA VAL B 260 21.62 3.10 -18.71
C VAL B 260 22.73 3.92 -18.05
N GLU B 261 23.69 3.24 -17.42
CA GLU B 261 24.86 3.92 -16.86
C GLU B 261 25.53 4.85 -17.87
N GLN B 262 25.83 4.31 -19.06
CA GLN B 262 26.43 5.08 -20.14
C GLN B 262 25.50 6.17 -20.67
N ALA B 263 24.20 5.90 -20.73
CA ALA B 263 23.27 6.91 -21.27
C ALA B 263 23.10 8.11 -20.32
N VAL B 264 23.23 7.87 -19.01
CA VAL B 264 22.99 8.97 -18.08
C VAL B 264 24.30 9.67 -17.63
N SER B 265 25.46 9.11 -17.98
CA SER B 265 26.74 9.66 -17.49
C SER B 265 27.04 11.09 -17.95
N ALA B 266 26.40 11.52 -19.04
CA ALA B 266 26.54 12.89 -19.52
C ALA B 266 25.79 13.89 -18.65
N TYR B 267 24.90 13.39 -17.78
CA TYR B 267 24.04 14.29 -17.02
C TYR B 267 24.44 14.36 -15.56
N ASP B 268 24.24 15.51 -14.93
CA ASP B 268 24.54 15.60 -13.51
C ASP B 268 23.31 15.26 -12.65
N LEU B 269 22.12 15.25 -13.27
CA LEU B 269 20.88 14.90 -12.56
C LEU B 269 19.86 14.24 -13.48
N VAL B 270 19.37 13.07 -13.05
CA VAL B 270 18.29 12.39 -13.77
C VAL B 270 17.00 12.53 -12.96
N VAL B 271 15.98 13.08 -13.60
CA VAL B 271 14.68 13.21 -12.97
C VAL B 271 13.73 12.16 -13.54
N VAL B 272 13.36 11.17 -12.73
CA VAL B 272 12.53 10.08 -13.20
C VAL B 272 11.11 10.17 -12.68
N VAL B 273 10.17 10.41 -13.58
CA VAL B 273 8.79 10.63 -13.18
C VAL B 273 7.96 9.54 -13.80
N GLY B 274 7.34 8.70 -12.97
CA GLY B 274 6.42 7.72 -13.53
C GLY B 274 7.00 6.56 -14.27
N ALA B 275 8.30 6.32 -14.09
CA ALA B 275 9.02 5.14 -14.60
C ALA B 275 9.75 4.49 -13.43
N GLU B 276 10.00 3.19 -13.55
CA GLU B 276 10.81 2.47 -12.58
C GLU B 276 12.25 2.94 -12.68
N VAL B 277 13.00 2.68 -11.62
CA VAL B 277 14.42 2.94 -11.60
C VAL B 277 15.13 1.60 -11.45
N PHE B 278 15.49 0.92 -12.55
CA PHE B 278 15.02 1.19 -13.90
C PHE B 278 14.48 -0.13 -14.42
N ARG B 279 13.66 -0.07 -15.47
CA ARG B 279 13.14 -1.30 -16.03
C ARG B 279 14.25 -2.02 -16.80
N TYR B 280 15.04 -2.84 -16.11
CA TYR B 280 16.11 -3.60 -16.74
C TYR B 280 15.59 -4.98 -17.11
N TYR B 281 16.09 -5.49 -18.24
CA TYR B 281 15.73 -6.80 -18.76
C TYR B 281 16.93 -7.74 -18.72
N PRO B 282 17.69 -7.83 -19.81
CA PRO B 282 18.91 -8.66 -19.77
C PRO B 282 19.95 -8.06 -18.83
N TYR B 283 20.84 -8.92 -18.32
CA TYR B 283 21.86 -8.49 -17.38
C TYR B 283 23.16 -8.13 -18.09
N VAL B 284 23.57 -6.86 -18.03
CA VAL B 284 24.90 -6.45 -18.45
C VAL B 284 25.43 -5.59 -17.33
N PRO B 285 26.51 -6.07 -16.66
CA PRO B 285 26.94 -5.46 -15.40
C PRO B 285 27.47 -4.04 -15.57
N GLY B 286 27.22 -3.23 -14.55
CA GLY B 286 27.66 -1.84 -14.50
C GLY B 286 27.31 -1.24 -13.14
N GLU B 287 27.31 0.08 -13.06
CA GLU B 287 26.87 0.81 -11.88
C GLU B 287 25.45 1.25 -12.17
N TYR B 288 24.55 1.08 -11.21
CA TYR B 288 23.19 1.59 -11.34
C TYR B 288 23.23 3.06 -11.76
N LEU B 289 24.07 3.83 -11.07
CA LEU B 289 24.25 5.25 -11.38
C LEU B 289 25.73 5.54 -11.32
N PRO B 290 26.26 6.13 -12.39
CA PRO B 290 27.68 6.52 -12.36
C PRO B 290 27.93 7.71 -11.43
N GLU B 291 29.06 7.68 -10.73
CA GLU B 291 29.51 8.78 -9.89
C GLU B 291 29.45 10.13 -10.64
N GLY B 292 28.96 11.16 -9.97
CA GLY B 292 28.74 12.41 -10.66
C GLY B 292 27.33 12.61 -11.18
N THR B 293 26.52 11.54 -11.17
CA THR B 293 25.13 11.69 -11.61
C THR B 293 24.19 11.42 -10.45
N ASP B 294 23.39 12.41 -10.07
CA ASP B 294 22.37 12.19 -9.02
C ASP B 294 21.03 11.80 -9.65
N LEU B 295 20.15 11.21 -8.85
CA LEU B 295 18.82 10.81 -9.34
C LEU B 295 17.66 11.16 -8.37
N LEU B 296 16.57 11.68 -8.93
CA LEU B 296 15.32 11.91 -8.21
C LEU B 296 14.27 11.03 -8.86
N GLN B 297 13.37 10.47 -8.05
CA GLN B 297 12.31 9.59 -8.55
C GLN B 297 10.97 10.04 -8.00
N ILE B 298 9.96 10.12 -8.86
CA ILE B 298 8.62 10.51 -8.43
C ILE B 298 7.69 9.44 -8.97
N THR B 299 6.91 8.80 -8.10
CA THR B 299 6.03 7.71 -8.53
C THR B 299 4.82 7.64 -7.62
N ALA B 300 3.73 7.12 -8.14
CA ALA B 300 2.52 6.95 -7.32
C ALA B 300 2.57 5.59 -6.62
N ASP B 301 3.58 4.79 -6.94
CA ASP B 301 3.66 3.44 -6.39
C ASP B 301 4.82 3.25 -5.43
N PRO B 302 4.53 3.26 -4.11
CA PRO B 302 5.57 3.15 -3.09
C PRO B 302 6.45 1.92 -3.27
N HIS B 303 5.94 0.88 -3.94
CA HIS B 303 6.75 -0.29 -4.17
C HIS B 303 7.91 0.06 -5.13
N ARG B 304 7.61 0.85 -6.14
CA ARG B 304 8.62 1.27 -7.13
C ARG B 304 9.72 2.18 -6.54
N SER B 305 9.35 3.05 -5.61
CA SER B 305 10.38 3.85 -4.93
C SER B 305 11.13 2.98 -3.92
N ALA B 306 10.43 1.99 -3.34
CA ALA B 306 11.07 1.15 -2.33
C ALA B 306 12.16 0.23 -2.88
N VAL B 307 11.95 -0.28 -4.10
CA VAL B 307 12.93 -1.23 -4.68
C VAL B 307 14.06 -0.55 -5.46
N ALA B 308 13.97 0.76 -5.69
CA ALA B 308 14.97 1.48 -6.48
C ALA B 308 16.33 1.33 -5.83
N PRO B 309 17.37 0.97 -6.61
CA PRO B 309 18.70 0.75 -6.03
C PRO B 309 19.39 2.04 -5.61
N VAL B 310 18.95 3.16 -6.18
CA VAL B 310 19.64 4.43 -5.96
C VAL B 310 18.61 5.54 -6.02
N GLY B 311 18.99 6.73 -5.52
CA GLY B 311 18.22 7.94 -5.71
C GLY B 311 17.45 8.41 -4.50
N ASP B 312 16.93 9.63 -4.59
CA ASP B 312 15.96 10.13 -3.62
C ASP B 312 14.61 10.15 -4.29
N SER B 313 13.60 9.63 -3.59
CA SER B 313 12.29 9.47 -4.21
C SER B 313 11.20 10.16 -3.41
N LEU B 314 10.07 10.42 -4.05
CA LEU B 314 8.89 10.83 -3.34
C LEU B 314 7.67 10.18 -3.99
N VAL B 315 6.63 9.98 -3.20
CA VAL B 315 5.41 9.32 -3.66
C VAL B 315 4.37 10.38 -3.87
N GLY B 316 3.68 10.28 -5.01
CA GLY B 316 2.59 11.19 -5.30
C GLY B 316 2.12 10.96 -6.71
N ASP B 317 0.91 11.39 -7.00
CA ASP B 317 0.38 11.33 -8.36
C ASP B 317 1.29 12.09 -9.33
N VAL B 318 1.61 11.49 -10.47
CA VAL B 318 2.66 12.09 -11.31
C VAL B 318 2.13 13.32 -12.03
N GLY B 319 0.82 13.33 -12.27
CA GLY B 319 0.15 14.48 -12.87
C GLY B 319 0.19 15.70 -11.96
N ILE B 320 -0.15 15.51 -10.70
CA ILE B 320 -0.06 16.60 -9.73
C ILE B 320 1.40 17.05 -9.60
N ALA B 321 2.31 16.09 -9.51
CA ALA B 321 3.72 16.43 -9.33
C ALA B 321 4.22 17.29 -10.48
N LEU B 322 3.88 16.94 -11.73
CA LEU B 322 4.40 17.63 -12.91
C LEU B 322 3.89 19.07 -13.02
N SER B 323 2.58 19.27 -12.85
CA SER B 323 1.97 20.60 -12.83
C SER B 323 2.62 21.47 -11.78
N ARG B 324 2.80 20.91 -10.59
CA ARG B 324 3.37 21.66 -9.50
C ARG B 324 4.87 22.00 -9.72
N LEU B 325 5.62 21.03 -10.22
CA LEU B 325 7.02 21.24 -10.53
C LEU B 325 7.22 22.36 -11.55
N THR B 326 6.37 22.40 -12.56
CA THR B 326 6.39 23.48 -13.52
C THR B 326 6.35 24.84 -12.81
N GLU B 327 5.38 25.01 -11.93
CA GLU B 327 5.31 26.23 -11.12
C GLU B 327 6.53 26.45 -10.25
N LEU B 328 7.13 25.39 -9.72
CA LEU B 328 8.23 25.57 -8.75
C LEU B 328 9.59 25.83 -9.37
N ILE B 329 9.89 25.23 -10.53
CA ILE B 329 11.24 25.39 -11.07
C ILE B 329 11.46 26.77 -11.76
N ASP B 330 12.71 27.21 -11.74
CA ASP B 330 13.14 28.39 -12.50
C ASP B 330 13.15 28.06 -13.97
N THR B 331 12.89 29.06 -14.80
CA THR B 331 13.21 28.98 -16.21
C THR B 331 14.74 28.95 -16.34
N PRO B 332 15.28 27.89 -16.98
CA PRO B 332 16.73 27.77 -17.04
C PRO B 332 17.30 28.91 -17.88
N ASP B 333 18.50 29.35 -17.54
CA ASP B 333 19.15 30.40 -18.33
C ASP B 333 19.86 29.78 -19.51
N ASP B 334 19.32 30.08 -20.69
CA ASP B 334 19.93 29.66 -21.95
C ASP B 334 20.38 28.20 -21.96
N ARG B 335 19.49 27.27 -21.64
CA ARG B 335 19.85 25.84 -21.68
C ARG B 335 20.06 25.42 -23.14
N VAL B 336 21.19 24.76 -23.40
CA VAL B 336 21.49 24.24 -24.73
C VAL B 336 20.53 23.13 -25.19
N PRO B 337 19.82 23.39 -26.31
CA PRO B 337 18.91 22.40 -26.93
C PRO B 337 19.59 21.05 -27.08
N PRO B 338 18.92 20.00 -26.60
CA PRO B 338 19.53 18.68 -26.77
C PRO B 338 19.72 18.36 -28.26
N LYS B 339 20.75 17.60 -28.57
CA LYS B 339 21.00 17.06 -29.91
C LYS B 339 19.76 16.32 -30.36
N PRO B 340 19.22 16.68 -31.53
CA PRO B 340 17.99 16.02 -32.00
C PRO B 340 18.12 14.48 -32.13
N LEU B 341 17.02 13.79 -31.84
CA LEU B 341 16.98 12.34 -32.02
C LEU B 341 16.82 12.03 -33.50
N VAL B 342 17.70 11.19 -34.03
CA VAL B 342 17.60 10.85 -35.45
C VAL B 342 17.33 9.35 -35.61
N ARG B 343 16.20 9.02 -36.22
CA ARG B 343 15.88 7.63 -36.51
C ARG B 343 16.59 7.17 -37.78
N GLN B 344 17.30 6.06 -37.67
CA GLN B 344 17.95 5.50 -38.83
C GLN B 344 16.89 4.88 -39.74
N ARG B 345 16.21 5.72 -40.52
CA ARG B 345 15.23 5.23 -41.49
C ARG B 345 15.90 4.95 -42.83
N HIS B 346 15.57 3.81 -43.40
CA HIS B 346 15.82 3.54 -44.81
C HIS B 346 14.69 2.63 -45.26
N SER B 347 14.27 2.79 -46.51
CA SER B 347 13.07 2.12 -46.99
C SER B 347 13.32 0.78 -47.67
N ASP B 348 12.51 -0.22 -47.35
CA ASP B 348 12.54 -1.50 -48.07
C ASP B 348 11.25 -1.68 -48.88
N ILE B 349 10.59 -0.58 -49.19
CA ILE B 349 9.44 -0.60 -50.10
C ILE B 349 9.92 -0.22 -51.49
N PRO B 350 9.46 -0.93 -52.53
CA PRO B 350 8.57 -2.09 -52.45
C PRO B 350 9.32 -3.38 -52.20
N SER B 351 8.57 -4.41 -51.83
CA SER B 351 9.20 -5.68 -51.48
C SER B 351 8.15 -6.79 -51.64
N THR B 352 8.59 -7.99 -52.01
CA THR B 352 7.67 -9.11 -52.03
C THR B 352 7.85 -9.94 -50.77
N ALA B 353 6.82 -10.71 -50.41
CA ALA B 353 6.89 -11.57 -49.24
C ALA B 353 7.82 -12.72 -49.56
N PRO B 354 8.62 -13.15 -48.57
CA PRO B 354 8.65 -12.62 -47.21
C PRO B 354 9.50 -11.36 -47.16
N MET B 355 9.03 -10.37 -46.41
CA MET B 355 9.68 -9.07 -46.36
C MET B 355 10.33 -8.80 -44.99
N THR B 356 11.14 -7.75 -44.93
CA THR B 356 11.73 -7.33 -43.68
C THR B 356 10.64 -6.73 -42.77
N SER B 357 10.83 -6.80 -41.47
CA SER B 357 9.93 -6.07 -40.58
C SER B 357 10.01 -4.55 -40.83
N ASN B 358 11.16 -4.10 -41.30
CA ASN B 358 11.30 -2.69 -41.68
C ASN B 358 10.32 -2.29 -42.79
N ALA B 359 10.16 -3.15 -43.80
CA ALA B 359 9.16 -2.94 -44.85
C ALA B 359 7.76 -2.87 -44.26
N VAL B 360 7.43 -3.81 -43.39
CA VAL B 360 6.09 -3.92 -42.82
C VAL B 360 5.70 -2.65 -42.07
N TYR B 361 6.58 -2.18 -41.19
CA TYR B 361 6.25 -1.00 -40.39
C TYR B 361 6.20 0.29 -41.20
N GLU B 362 6.99 0.38 -42.27
CA GLU B 362 6.90 1.60 -43.11
C GLU B 362 5.59 1.62 -43.83
N VAL B 363 5.19 0.49 -44.41
CA VAL B 363 3.86 0.43 -44.99
C VAL B 363 2.77 0.82 -43.99
N LEU B 364 2.88 0.34 -42.74
CA LEU B 364 1.88 0.69 -41.72
C LEU B 364 1.86 2.19 -41.48
N SER B 365 3.05 2.80 -41.38
CA SER B 365 3.09 4.24 -41.11
C SER B 365 2.50 5.04 -42.27
N ASN B 366 2.60 4.53 -43.49
CA ASN B 366 1.96 5.24 -44.62
C ASN B 366 0.45 5.24 -44.55
N VAL B 367 -0.14 4.19 -43.99
CA VAL B 367 -1.62 4.09 -43.98
C VAL B 367 -2.28 4.27 -42.61
N LYS B 368 -1.52 4.18 -41.53
CA LYS B 368 -2.12 4.31 -40.20
C LYS B 368 -2.83 5.66 -39.99
N PRO B 369 -4.11 5.62 -39.63
CA PRO B 369 -4.77 6.90 -39.29
C PRO B 369 -4.02 7.56 -38.14
N ASP B 370 -3.99 8.89 -38.18
CA ASP B 370 -3.27 9.67 -37.20
C ASP B 370 -3.76 9.42 -35.75
N ASP B 371 -5.05 9.18 -35.56
CA ASP B 371 -5.63 9.00 -34.23
C ASP B 371 -5.78 7.52 -33.85
N ALA B 372 -5.19 6.61 -34.61
CA ALA B 372 -5.27 5.19 -34.28
C ALA B 372 -4.51 4.85 -32.99
N ALA B 373 -4.97 3.82 -32.28
CA ALA B 373 -4.20 3.30 -31.15
C ALA B 373 -3.31 2.16 -31.65
N VAL B 374 -2.12 2.06 -31.12
CA VAL B 374 -1.24 0.98 -31.49
C VAL B 374 -1.10 0.02 -30.30
N VAL B 375 -1.30 -1.28 -30.53
CA VAL B 375 -1.00 -2.32 -29.52
C VAL B 375 0.20 -3.11 -30.01
N MET B 376 1.22 -3.29 -29.15
CA MET B 376 2.47 -3.89 -29.60
C MET B 376 2.75 -5.19 -28.87
N GLU B 377 3.04 -6.24 -29.62
CA GLU B 377 3.43 -7.53 -29.06
C GLU B 377 4.31 -8.25 -30.07
N SER B 378 5.50 -7.73 -30.31
CA SER B 378 6.41 -8.29 -31.29
C SER B 378 7.81 -7.83 -30.93
N THR B 379 8.44 -8.58 -30.04
CA THR B 379 9.68 -8.13 -29.40
C THR B 379 10.84 -8.03 -30.39
N SER B 380 10.86 -8.91 -31.39
CA SER B 380 11.89 -8.85 -32.41
C SER B 380 11.73 -7.61 -33.29
N THR B 381 10.62 -6.87 -33.17
CA THR B 381 10.44 -5.70 -34.03
C THR B 381 10.26 -4.36 -33.31
N MET B 382 10.73 -4.26 -32.07
N MET B 382 10.67 -4.24 -32.06
CA MET B 382 10.63 -2.98 -31.36
CA MET B 382 10.63 -2.99 -31.32
C MET B 382 11.35 -1.84 -32.09
C MET B 382 11.37 -1.84 -32.06
N LEU B 383 12.49 -2.13 -32.70
CA LEU B 383 13.24 -1.08 -33.43
C LEU B 383 12.39 -0.52 -34.56
N ASP B 384 11.68 -1.40 -35.27
CA ASP B 384 10.82 -0.99 -36.39
C ASP B 384 9.66 -0.12 -35.95
N LEU B 385 9.08 -0.43 -34.81
CA LEU B 385 7.98 0.36 -34.27
C LEU B 385 8.53 1.74 -33.93
N PHE B 386 9.68 1.76 -33.25
CA PHE B 386 10.30 3.01 -32.87
C PHE B 386 10.61 3.88 -34.12
N THR B 387 11.17 3.25 -35.14
CA THR B 387 11.57 3.96 -36.36
C THR B 387 10.40 4.53 -37.12
N TRP B 388 9.34 3.72 -37.27
CA TRP B 388 8.27 4.10 -38.18
C TRP B 388 6.94 4.52 -37.54
N LEU B 389 6.68 4.14 -36.29
CA LEU B 389 5.38 4.48 -35.70
C LEU B 389 5.51 5.23 -34.40
N PRO B 390 6.04 6.47 -34.46
CA PRO B 390 6.15 7.23 -33.21
C PRO B 390 4.77 7.48 -32.63
N THR B 391 4.69 7.48 -31.30
CA THR B 391 3.44 7.77 -30.64
C THR B 391 3.35 9.28 -30.45
N THR B 392 2.27 9.88 -30.95
CA THR B 392 2.16 11.33 -30.95
C THR B 392 0.89 11.79 -30.23
N HIS B 393 0.07 10.85 -29.75
CA HIS B 393 -1.12 11.21 -28.98
C HIS B 393 -1.17 10.47 -27.64
N PRO B 394 -1.84 11.06 -26.64
CA PRO B 394 -1.97 10.33 -25.36
C PRO B 394 -2.84 9.08 -25.52
N ALA B 395 -2.66 8.12 -24.61
CA ALA B 395 -3.49 6.92 -24.58
C ALA B 395 -3.59 6.24 -25.93
N SER B 396 -2.48 6.13 -26.66
CA SER B 396 -2.54 5.61 -28.02
C SER B 396 -1.50 4.56 -28.28
N PHE B 397 -0.87 4.09 -27.21
CA PHE B 397 0.09 3.01 -27.29
C PHE B 397 -0.12 2.11 -26.07
N PHE B 398 -0.17 0.80 -26.30
CA PHE B 398 -0.32 -0.18 -25.20
C PHE B 398 0.51 -1.44 -25.46
N ALA B 399 1.19 -1.91 -24.43
CA ALA B 399 1.83 -3.22 -24.47
C ALA B 399 1.71 -3.89 -23.09
N THR B 400 1.98 -5.19 -23.07
CA THR B 400 1.91 -6.00 -21.86
C THR B 400 2.54 -5.31 -20.66
N GLY B 401 1.80 -5.26 -19.55
CA GLY B 401 2.29 -4.69 -18.30
C GLY B 401 3.48 -5.45 -17.74
N SER B 402 3.49 -6.77 -17.96
CA SER B 402 4.49 -7.61 -17.32
C SER B 402 5.64 -8.04 -18.24
N GLY B 403 5.46 -7.93 -19.55
CA GLY B 403 6.38 -8.57 -20.48
C GLY B 403 5.87 -9.95 -20.91
N GLY B 404 4.88 -10.50 -20.22
CA GLY B 404 4.31 -11.77 -20.70
C GLY B 404 3.47 -11.61 -21.97
N ILE B 405 3.68 -12.48 -22.95
CA ILE B 405 2.93 -12.37 -24.20
C ILE B 405 1.57 -13.10 -24.15
N GLY B 406 0.79 -12.95 -25.23
CA GLY B 406 -0.61 -13.30 -25.16
C GLY B 406 -1.44 -12.21 -24.51
N TRP B 407 -0.86 -11.04 -24.31
CA TRP B 407 -1.63 -9.92 -23.73
C TRP B 407 -2.26 -9.05 -24.82
N GLY B 408 -1.48 -8.73 -25.85
CA GLY B 408 -1.89 -7.66 -26.77
C GLY B 408 -3.14 -7.96 -27.58
N VAL B 409 -3.34 -9.22 -27.93
CA VAL B 409 -4.50 -9.58 -28.73
C VAL B 409 -5.81 -9.35 -27.94
N PRO B 410 -5.94 -9.97 -26.75
CA PRO B 410 -7.18 -9.68 -25.98
C PRO B 410 -7.24 -8.23 -25.48
N ALA B 411 -6.11 -7.63 -25.09
CA ALA B 411 -6.12 -6.22 -24.70
C ALA B 411 -6.63 -5.32 -25.83
N ALA B 412 -6.23 -5.62 -27.06
CA ALA B 412 -6.74 -4.85 -28.21
C ALA B 412 -8.28 -4.90 -28.29
N VAL B 413 -8.86 -6.08 -28.05
CA VAL B 413 -10.30 -6.26 -28.07
C VAL B 413 -10.91 -5.42 -26.93
N GLY B 414 -10.31 -5.50 -25.74
CA GLY B 414 -10.73 -4.67 -24.63
C GLY B 414 -10.63 -3.16 -24.90
N ILE B 415 -9.53 -2.72 -25.50
CA ILE B 415 -9.35 -1.30 -25.82
C ILE B 415 -10.43 -0.83 -26.80
N ALA B 416 -10.70 -1.64 -27.83
CA ALA B 416 -11.72 -1.23 -28.80
C ALA B 416 -13.13 -1.22 -28.18
N LEU B 417 -13.43 -2.18 -27.32
CA LEU B 417 -14.70 -2.17 -26.56
C LEU B 417 -14.74 -0.92 -25.71
N GLY B 418 -13.60 -0.58 -25.11
CA GLY B 418 -13.51 0.62 -24.29
C GLY B 418 -13.76 1.89 -25.11
N ASP B 419 -13.10 2.00 -26.26
CA ASP B 419 -13.31 3.16 -27.14
C ASP B 419 -14.79 3.31 -27.48
N ARG B 420 -15.45 2.20 -27.81
CA ARG B 420 -16.85 2.25 -28.16
C ARG B 420 -17.72 2.69 -26.96
N ALA B 421 -17.45 2.15 -25.77
CA ALA B 421 -18.17 2.58 -24.57
C ALA B 421 -17.97 4.07 -24.24
N ARG B 422 -16.77 4.62 -24.46
CA ARG B 422 -16.51 6.01 -24.05
C ARG B 422 -16.72 7.00 -25.20
N GLY B 423 -17.23 6.52 -26.33
CA GLY B 423 -17.58 7.38 -27.44
C GLY B 423 -16.40 7.87 -28.27
N VAL B 424 -15.30 7.12 -28.28
CA VAL B 424 -14.16 7.46 -29.12
C VAL B 424 -14.12 6.59 -30.36
N ASP B 425 -14.10 7.24 -31.51
CA ASP B 425 -14.15 6.56 -32.80
C ASP B 425 -12.72 6.49 -33.37
N ARG B 426 -12.09 5.33 -33.28
CA ARG B 426 -10.74 5.20 -33.81
C ARG B 426 -10.50 3.74 -34.06
N THR B 427 -9.41 3.47 -34.75
CA THR B 427 -9.03 2.12 -35.07
C THR B 427 -7.90 1.69 -34.16
N VAL B 428 -7.91 0.41 -33.81
CA VAL B 428 -6.81 -0.19 -33.07
C VAL B 428 -6.00 -1.02 -34.05
N VAL B 429 -4.71 -0.72 -34.12
CA VAL B 429 -3.79 -1.47 -34.95
C VAL B 429 -2.84 -2.22 -34.02
N ALA B 430 -2.86 -3.54 -34.11
CA ALA B 430 -2.09 -4.38 -33.22
C ALA B 430 -1.06 -5.11 -34.06
N THR B 431 0.20 -4.90 -33.76
CA THR B 431 1.24 -5.62 -34.48
C THR B 431 1.78 -6.72 -33.57
N ILE B 432 1.53 -7.97 -33.96
CA ILE B 432 1.76 -9.12 -33.08
C ILE B 432 2.65 -10.16 -33.76
N GLY B 433 3.68 -10.65 -33.07
CA GLY B 433 4.48 -11.76 -33.63
C GLY B 433 3.62 -13.02 -33.78
N ASP B 434 4.03 -13.97 -34.63
CA ASP B 434 3.20 -15.16 -34.87
C ASP B 434 3.15 -16.07 -33.64
N GLY B 435 4.23 -16.16 -32.88
CA GLY B 435 4.22 -16.92 -31.63
C GLY B 435 3.29 -16.28 -30.60
N SER B 436 3.46 -14.99 -30.39
CA SER B 436 2.61 -14.22 -29.50
C SER B 436 1.15 -14.31 -29.86
N PHE B 437 0.86 -14.29 -31.15
CA PHE B 437 -0.52 -14.37 -31.63
C PHE B 437 -1.23 -15.65 -31.16
N GLN B 438 -0.50 -16.75 -31.01
CA GLN B 438 -1.13 -18.04 -30.63
C GLN B 438 -1.63 -18.15 -29.19
N TYR B 439 -0.96 -17.47 -28.26
CA TYR B 439 -1.27 -17.62 -26.82
C TYR B 439 -2.72 -17.38 -26.49
N SER B 440 -3.27 -16.30 -27.03
CA SER B 440 -4.62 -15.88 -26.72
C SER B 440 -5.36 -15.63 -28.01
N ILE B 441 -5.06 -16.47 -29.00
CA ILE B 441 -5.67 -16.37 -30.32
C ILE B 441 -7.21 -16.37 -30.28
N GLN B 442 -7.80 -17.11 -29.34
CA GLN B 442 -9.28 -17.18 -29.28
C GLN B 442 -9.91 -15.83 -28.98
N ALA B 443 -9.13 -14.88 -28.48
CA ALA B 443 -9.72 -13.55 -28.20
C ALA B 443 -10.26 -12.91 -29.50
N ILE B 444 -9.73 -13.29 -30.67
CA ILE B 444 -10.19 -12.62 -31.89
C ILE B 444 -11.67 -12.95 -32.21
N TRP B 445 -12.16 -14.03 -31.63
CA TRP B 445 -13.57 -14.42 -31.78
C TRP B 445 -14.44 -13.35 -31.17
N THR B 446 -14.04 -12.86 -29.99
CA THR B 446 -14.76 -11.78 -29.34
C THR B 446 -14.73 -10.50 -30.19
N ALA B 447 -13.59 -10.23 -30.82
CA ALA B 447 -13.49 -9.07 -31.74
C ALA B 447 -14.53 -9.22 -32.88
N ALA B 448 -14.63 -10.41 -33.45
CA ALA B 448 -15.55 -10.61 -34.56
C ALA B 448 -17.00 -10.55 -34.07
N GLN B 449 -17.28 -11.18 -32.93
CA GLN B 449 -18.62 -11.12 -32.33
C GLN B 449 -19.10 -9.70 -32.07
N HIS B 450 -18.21 -8.79 -31.67
CA HIS B 450 -18.61 -7.41 -31.38
C HIS B 450 -18.27 -6.44 -32.51
N LYS B 451 -17.84 -7.00 -33.66
CA LYS B 451 -17.52 -6.20 -34.84
C LYS B 451 -16.62 -5.02 -34.50
N LEU B 452 -15.50 -5.30 -33.86
CA LEU B 452 -14.62 -4.23 -33.41
C LEU B 452 -13.68 -3.76 -34.54
N PRO B 453 -13.37 -2.44 -34.59
CA PRO B 453 -12.43 -1.93 -35.61
C PRO B 453 -11.01 -2.18 -35.16
N ILE B 454 -10.58 -3.44 -35.30
CA ILE B 454 -9.24 -3.81 -34.96
C ILE B 454 -8.58 -4.47 -36.17
N VAL B 455 -7.38 -4.01 -36.48
CA VAL B 455 -6.60 -4.62 -37.54
C VAL B 455 -5.41 -5.31 -36.88
N PHE B 456 -5.42 -6.63 -36.88
CA PHE B 456 -4.33 -7.40 -36.29
C PHE B 456 -3.32 -7.66 -37.42
N VAL B 457 -2.12 -7.13 -37.28
CA VAL B 457 -1.08 -7.35 -38.27
C VAL B 457 -0.10 -8.34 -37.67
N VAL B 458 -0.12 -9.55 -38.21
CA VAL B 458 0.66 -10.64 -37.64
C VAL B 458 1.93 -10.90 -38.44
N LEU B 459 3.08 -10.76 -37.79
CA LEU B 459 4.35 -10.95 -38.46
C LEU B 459 4.81 -12.40 -38.39
N ARG B 460 4.60 -13.11 -39.48
CA ARG B 460 4.84 -14.53 -39.56
C ARG B 460 6.25 -14.84 -40.08
N ASN B 461 7.19 -15.08 -39.18
CA ASN B 461 8.53 -15.49 -39.56
C ASN B 461 8.86 -16.93 -39.16
N GLY B 462 7.89 -17.66 -38.61
CA GLY B 462 8.09 -19.09 -38.33
C GLY B 462 8.88 -19.39 -37.05
N GLU B 463 9.05 -18.40 -36.17
CA GLU B 463 9.85 -18.63 -34.95
C GLU B 463 9.54 -17.66 -33.82
N TYR B 464 9.89 -18.06 -32.60
CA TYR B 464 9.76 -17.14 -31.48
C TYR B 464 10.89 -16.12 -31.47
N ALA B 465 10.59 -14.92 -30.96
CA ALA B 465 11.57 -13.88 -30.74
C ALA B 465 12.41 -14.19 -29.50
N ILE B 466 13.62 -14.68 -29.72
CA ILE B 466 14.51 -15.13 -28.64
C ILE B 466 15.16 -13.96 -27.87
N PRO B 477 22.69 -20.34 -29.09
CA PRO B 477 23.16 -21.62 -28.60
C PRO B 477 22.17 -22.72 -29.05
N ASN B 478 22.02 -23.80 -28.32
CA ASN B 478 21.17 -24.84 -28.89
C ASN B 478 19.84 -25.03 -28.13
N VAL B 479 18.92 -24.08 -28.32
CA VAL B 479 17.68 -24.01 -27.54
C VAL B 479 16.50 -24.63 -28.30
N PRO B 480 15.87 -25.65 -27.69
CA PRO B 480 14.68 -26.32 -28.25
C PRO B 480 13.45 -25.41 -28.22
N GLY B 481 12.45 -25.72 -29.02
CA GLY B 481 11.17 -25.04 -28.96
C GLY B 481 11.06 -23.62 -29.50
N LEU B 482 11.92 -23.24 -30.43
CA LEU B 482 11.86 -21.89 -30.99
C LEU B 482 11.09 -21.79 -32.31
N GLN B 483 10.95 -22.91 -33.01
CA GLN B 483 10.39 -22.92 -34.36
C GLN B 483 8.89 -23.12 -34.32
N LEU B 484 8.16 -22.49 -35.23
CA LEU B 484 6.69 -22.57 -35.34
C LEU B 484 6.24 -22.95 -36.74
N PRO B 485 6.64 -24.14 -37.23
CA PRO B 485 6.20 -24.53 -38.56
C PRO B 485 4.73 -24.93 -38.53
N GLY B 486 4.08 -25.01 -39.69
CA GLY B 486 2.80 -25.70 -39.79
C GLY B 486 1.63 -24.95 -39.17
N LEU B 487 1.56 -23.66 -39.44
CA LEU B 487 0.47 -22.82 -38.97
C LEU B 487 -0.03 -22.03 -40.14
N ASP B 488 -1.31 -22.16 -40.40
CA ASP B 488 -1.96 -21.30 -41.40
C ASP B 488 -2.86 -20.35 -40.62
N ILE B 489 -2.31 -19.19 -40.29
CA ILE B 489 -2.97 -18.30 -39.36
C ILE B 489 -4.25 -17.66 -39.96
N SER B 490 -4.30 -17.48 -41.28
CA SER B 490 -5.52 -17.01 -41.97
C SER B 490 -6.71 -17.94 -41.79
N SER B 491 -6.49 -19.24 -41.98
CA SER B 491 -7.57 -20.21 -41.75
C SER B 491 -8.11 -20.14 -40.33
N ILE B 492 -7.20 -20.04 -39.36
CA ILE B 492 -7.61 -19.96 -37.96
C ILE B 492 -8.44 -18.70 -37.76
N ALA B 493 -7.97 -17.58 -38.30
CA ALA B 493 -8.65 -16.29 -38.10
C ALA B 493 -10.06 -16.31 -38.71
N ALA B 494 -10.15 -16.87 -39.91
CA ALA B 494 -11.40 -17.00 -40.62
C ALA B 494 -12.29 -17.92 -39.81
N GLY B 495 -11.70 -18.98 -39.27
CA GLY B 495 -12.45 -19.91 -38.44
C GLY B 495 -13.12 -19.27 -37.24
N PHE B 496 -12.44 -18.28 -36.64
CA PHE B 496 -12.97 -17.49 -35.52
C PHE B 496 -13.85 -16.31 -35.95
N GLY B 497 -14.10 -16.19 -37.25
CA GLY B 497 -15.03 -15.18 -37.75
C GLY B 497 -14.42 -13.86 -38.22
N CYS B 498 -13.09 -13.76 -38.23
CA CYS B 498 -12.47 -12.51 -38.64
C CYS B 498 -12.26 -12.49 -40.14
N ARG B 499 -12.35 -11.30 -40.75
CA ARG B 499 -11.83 -11.10 -42.10
C ARG B 499 -10.34 -11.40 -42.07
N THR B 500 -9.78 -11.81 -43.19
CA THR B 500 -8.37 -12.16 -43.19
C THR B 500 -7.76 -12.14 -44.59
N ALA B 501 -6.45 -11.90 -44.67
CA ALA B 501 -5.70 -12.14 -45.90
C ALA B 501 -4.25 -12.49 -45.54
N THR B 502 -3.61 -13.23 -46.44
CA THR B 502 -2.19 -13.50 -46.32
C THR B 502 -1.54 -12.61 -47.39
N VAL B 503 -0.71 -11.65 -46.97
CA VAL B 503 -0.20 -10.68 -47.91
C VAL B 503 1.07 -11.22 -48.63
N GLU B 504 1.19 -10.86 -49.90
CA GLU B 504 2.29 -11.34 -50.74
C GLU B 504 3.37 -10.30 -51.06
N SER B 505 3.10 -9.05 -50.70
CA SER B 505 3.98 -7.96 -51.10
C SER B 505 3.63 -6.73 -50.30
N THR B 506 4.49 -5.72 -50.38
CA THR B 506 4.17 -4.44 -49.77
C THR B 506 2.96 -3.79 -50.43
N ASP B 507 2.79 -3.98 -51.74
CA ASP B 507 1.58 -3.43 -52.39
C ASP B 507 0.32 -4.04 -51.83
N MET B 508 0.32 -5.36 -51.72
CA MET B 508 -0.86 -6.07 -51.22
C MET B 508 -1.12 -5.70 -49.76
N LEU B 509 -0.06 -5.61 -48.96
CA LEU B 509 -0.17 -5.17 -47.57
C LEU B 509 -0.88 -3.82 -47.49
N GLU B 510 -0.45 -2.91 -48.35
CA GLU B 510 -1.00 -1.57 -48.29
C GLU B 510 -2.46 -1.59 -48.66
N ALA B 511 -2.77 -2.36 -49.70
CA ALA B 511 -4.14 -2.40 -50.18
C ALA B 511 -5.06 -3.09 -49.17
N GLU B 512 -4.59 -4.19 -48.59
CA GLU B 512 -5.41 -4.92 -47.60
C GLU B 512 -5.60 -4.08 -46.33
N LEU B 513 -4.58 -3.30 -45.99
CA LEU B 513 -4.64 -2.39 -44.86
C LEU B 513 -5.72 -1.35 -45.05
N LYS B 514 -5.76 -0.75 -46.25
CA LYS B 514 -6.79 0.23 -46.57
C LYS B 514 -8.18 -0.39 -46.54
N THR B 515 -8.30 -1.59 -47.10
CA THR B 515 -9.58 -2.28 -47.03
C THR B 515 -9.97 -2.58 -45.57
N ALA B 516 -9.00 -2.98 -44.74
CA ALA B 516 -9.31 -3.34 -43.34
C ALA B 516 -9.80 -2.13 -42.56
N LEU B 517 -9.20 -0.98 -42.86
CA LEU B 517 -9.53 0.26 -42.16
C LEU B 517 -10.95 0.72 -42.43
N GLN B 518 -11.51 0.27 -43.56
CA GLN B 518 -12.86 0.64 -43.96
C GLN B 518 -13.87 -0.46 -43.66
N ALA B 519 -13.42 -1.63 -43.26
CA ALA B 519 -14.33 -2.76 -43.05
C ALA B 519 -15.13 -2.59 -41.75
N ASP B 520 -16.27 -3.24 -41.67
CA ASP B 520 -16.93 -3.36 -40.37
C ASP B 520 -16.43 -4.67 -39.74
N GLY B 521 -15.81 -4.56 -38.58
CA GLY B 521 -15.23 -5.73 -37.97
C GLY B 521 -13.74 -5.89 -38.19
N PRO B 522 -13.14 -6.77 -37.39
CA PRO B 522 -11.68 -6.91 -37.33
C PRO B 522 -11.16 -7.67 -38.52
N THR B 523 -9.89 -7.43 -38.84
CA THR B 523 -9.19 -8.19 -39.87
C THR B 523 -7.87 -8.67 -39.30
N VAL B 524 -7.51 -9.90 -39.65
CA VAL B 524 -6.21 -10.46 -39.36
C VAL B 524 -5.38 -10.52 -40.66
N LEU B 525 -4.34 -9.71 -40.74
CA LEU B 525 -3.48 -9.72 -41.91
C LEU B 525 -2.20 -10.46 -41.54
N VAL B 526 -1.95 -11.56 -42.24
CA VAL B 526 -0.79 -12.36 -41.96
C VAL B 526 0.32 -11.96 -42.97
N VAL B 527 1.44 -11.46 -42.47
CA VAL B 527 2.50 -10.94 -43.29
C VAL B 527 3.77 -11.80 -43.15
N PRO B 528 4.12 -12.55 -44.20
CA PRO B 528 5.33 -13.37 -44.06
C PRO B 528 6.56 -12.47 -43.98
N THR B 529 7.39 -12.67 -42.96
CA THR B 529 8.54 -11.78 -42.79
C THR B 529 9.78 -12.62 -42.59
N LEU B 530 10.94 -11.99 -42.62
CA LEU B 530 12.20 -12.71 -42.48
C LEU B 530 12.57 -12.93 -41.01
N PRO B 531 13.17 -14.10 -40.71
CA PRO B 531 13.66 -14.54 -39.39
C PRO B 531 14.74 -13.63 -38.77
#